data_8HZ5
#
_entry.id   8HZ5
#
_cell.length_a   54.790
_cell.length_b   154.092
_cell.length_c   206.597
_cell.angle_alpha   90.00
_cell.angle_beta   90.00
_cell.angle_gamma   90.00
#
_symmetry.space_group_name_H-M   'C 2 2 21'
#
_entity_poly.entity_id   1
_entity_poly.type   'polypeptide(L)'
_entity_poly.pdbx_seq_one_letter_code
;MGSSHHHHHHMIRKVLVANRGEIAVRIIRACQELGIRTVVAYSTADRDSLAVRLADEAVCIGPPPAAKSYLNAPALISAA
LVSGCDAIHPGYGFLSENPYFAEMCADCKLTFIGPPPEPIRLMGDKAIGRETMRKAGVPTVPGSDGEVRSLEEAIDVARQ
IGYPVLLKPSGGGGGRGMRVAYDEADLQRAFPTARAEAEAAFGNGALLLEKYLTRVRHVEIQVLADQYGHAIHLGERDCS
AQRRHQKIVEEAPSPAVTPELRERMGADAVRGIKSIGYVNAGTLEFLLDQDGNYYFIEMNTRIQVEHPVTEQVTGIDLVR
WQLLIASGERLTLRQEDIKITRHAIECRINAEDPERDFLPASGEVEFYLPPGGPGVRVDSHLYSGYTPPGTYDSLLAKII
TFGDTRDEALNRMRRALNECVITGIKTTIPFQLALIDDPEFRAGRIHTGYVAELLRQWKETLNPV
;
_entity_poly.pdbx_strand_id   A,B
#
# COMPACT_ATOMS: atom_id res chain seq x y z
N ILE A 12 -10.37 17.14 -19.40
CA ILE A 12 -10.76 17.66 -18.08
C ILE A 12 -9.62 18.46 -17.47
N ARG A 13 -9.87 19.70 -17.05
CA ARG A 13 -8.80 20.54 -16.52
C ARG A 13 -8.95 20.85 -15.05
N LYS A 14 -10.11 21.31 -14.61
CA LYS A 14 -10.31 21.55 -13.18
C LYS A 14 -11.60 20.91 -12.73
N VAL A 15 -11.56 20.15 -11.64
CA VAL A 15 -12.74 19.47 -11.09
C VAL A 15 -13.33 20.07 -9.82
N LEU A 16 -14.64 20.03 -9.64
CA LEU A 16 -15.23 20.46 -8.39
C LEU A 16 -15.60 19.25 -7.64
N VAL A 17 -15.15 19.18 -6.41
CA VAL A 17 -15.45 18.04 -5.61
C VAL A 17 -16.56 18.50 -4.73
N ALA A 18 -17.68 17.82 -4.81
CA ALA A 18 -18.85 18.20 -4.08
C ALA A 18 -19.15 17.25 -2.97
N ASN A 19 -18.13 16.67 -2.38
CA ASN A 19 -18.34 15.79 -1.24
C ASN A 19 -17.40 16.19 -0.16
N ARG A 20 -17.36 15.36 0.88
CA ARG A 20 -16.56 15.65 2.03
C ARG A 20 -15.87 14.42 2.49
N GLY A 21 -14.95 14.56 3.44
CA GLY A 21 -14.33 13.41 4.01
C GLY A 21 -13.33 12.61 3.26
N GLU A 22 -13.43 11.32 3.40
CA GLU A 22 -12.53 10.44 2.74
C GLU A 22 -12.70 10.57 1.28
N ILE A 23 -13.93 10.48 0.82
CA ILE A 23 -14.11 10.49 -0.62
C ILE A 23 -13.60 11.80 -1.20
N ALA A 24 -13.69 12.89 -0.44
CA ALA A 24 -13.15 14.14 -0.93
C ALA A 24 -11.62 14.05 -1.14
N VAL A 25 -10.91 13.59 -0.10
CA VAL A 25 -9.46 13.40 -0.24
C VAL A 25 -9.12 12.45 -1.38
N ARG A 26 -9.92 11.38 -1.57
CA ARG A 26 -9.67 10.37 -2.61
C ARG A 26 -9.82 10.95 -4.02
N ILE A 27 -10.82 11.81 -4.21
CA ILE A 27 -10.96 12.46 -5.51
C ILE A 27 -9.81 13.44 -5.73
N ILE A 28 -9.40 14.19 -4.69
CA ILE A 28 -8.26 15.10 -4.85
C ILE A 28 -7.00 14.33 -5.21
N ARG A 29 -6.81 13.17 -4.60
CA ARG A 29 -5.64 12.35 -4.90
C ARG A 29 -5.65 11.86 -6.35
N ALA A 30 -6.80 11.35 -6.81
CA ALA A 30 -6.94 10.94 -8.21
C ALA A 30 -6.63 12.10 -9.15
N CYS A 31 -7.31 13.23 -8.97
CA CYS A 31 -7.06 14.40 -9.80
C CYS A 31 -5.58 14.77 -9.86
N GLN A 32 -4.96 14.91 -8.69
CA GLN A 32 -3.55 15.29 -8.66
C GLN A 32 -2.69 14.30 -9.39
N GLU A 33 -2.99 13.01 -9.28
CA GLU A 33 -2.12 12.07 -9.97
C GLU A 33 -2.21 12.23 -11.48
N LEU A 34 -3.31 12.82 -11.98
CA LEU A 34 -3.56 13.01 -13.41
C LEU A 34 -3.33 14.44 -13.90
N GLY A 35 -2.77 15.31 -13.06
CA GLY A 35 -2.60 16.68 -13.51
C GLY A 35 -3.88 17.49 -13.55
N ILE A 36 -4.91 17.08 -12.83
CA ILE A 36 -6.17 17.81 -12.75
C ILE A 36 -6.17 18.70 -11.50
N ARG A 37 -6.38 20.00 -11.70
CA ARG A 37 -6.49 20.97 -10.60
C ARG A 37 -7.77 20.70 -9.83
N THR A 38 -7.82 21.17 -8.60
CA THR A 38 -8.95 20.87 -7.75
C THR A 38 -9.53 22.00 -6.96
N VAL A 39 -10.85 22.12 -6.94
CA VAL A 39 -11.50 23.08 -6.10
C VAL A 39 -12.47 22.22 -5.32
N VAL A 40 -12.62 22.46 -4.04
CA VAL A 40 -13.46 21.64 -3.20
C VAL A 40 -14.63 22.39 -2.62
N ALA A 41 -15.75 21.71 -2.48
CA ALA A 41 -16.93 22.32 -1.93
C ALA A 41 -17.14 21.92 -0.54
N TYR A 42 -17.17 22.89 0.34
CA TYR A 42 -17.28 22.62 1.74
C TYR A 42 -18.32 23.42 2.46
N SER A 43 -18.77 22.89 3.58
CA SER A 43 -19.74 23.58 4.39
C SER A 43 -19.07 24.30 5.51
N THR A 44 -19.85 25.03 6.28
CA THR A 44 -19.34 25.79 7.39
C THR A 44 -18.72 24.80 8.33
N ALA A 45 -19.31 23.63 8.45
CA ALA A 45 -18.80 22.56 9.31
C ALA A 45 -17.55 21.85 8.86
N ASP A 46 -17.26 21.86 7.57
CA ASP A 46 -16.14 21.15 7.01
C ASP A 46 -15.01 22.06 6.58
N ARG A 47 -14.90 23.21 7.21
CA ARG A 47 -13.84 24.16 6.92
C ARG A 47 -12.48 23.66 7.23
N ASP A 48 -12.36 22.90 8.30
CA ASP A 48 -11.08 22.43 8.75
C ASP A 48 -10.73 21.06 8.23
N SER A 49 -11.37 20.65 7.15
CA SER A 49 -11.10 19.39 6.52
C SER A 49 -9.76 19.33 5.83
N LEU A 50 -9.17 18.16 5.71
CA LEU A 50 -7.89 17.97 5.05
C LEU A 50 -8.06 18.28 3.61
N ALA A 51 -9.25 18.14 3.12
CA ALA A 51 -9.55 18.39 1.73
C ALA A 51 -9.30 19.81 1.37
N VAL A 52 -9.61 20.73 2.24
CA VAL A 52 -9.34 22.15 2.01
C VAL A 52 -7.87 22.38 1.85
N ARG A 53 -7.04 21.74 2.67
CA ARG A 53 -5.60 21.82 2.54
C ARG A 53 -5.06 21.15 1.32
N LEU A 54 -5.52 19.94 1.07
CA LEU A 54 -5.05 19.16 -0.05
C LEU A 54 -5.41 19.72 -1.39
N ALA A 55 -6.59 20.29 -1.47
CA ALA A 55 -7.04 20.92 -2.71
C ALA A 55 -6.47 22.26 -3.08
N ASP A 56 -6.33 22.49 -4.37
CA ASP A 56 -5.77 23.72 -4.83
C ASP A 56 -6.60 24.90 -4.42
N GLU A 57 -7.92 24.82 -4.57
CA GLU A 57 -8.82 25.91 -4.20
C GLU A 57 -10.02 25.38 -3.46
N ALA A 58 -10.77 26.26 -2.83
CA ALA A 58 -11.96 25.87 -2.09
C ALA A 58 -13.09 26.91 -2.01
N VAL A 59 -14.36 26.47 -2.10
CA VAL A 59 -15.52 27.38 -2.02
C VAL A 59 -16.58 26.93 -0.99
N CYS A 60 -17.11 27.86 -0.18
CA CYS A 60 -18.13 27.54 0.83
C CYS A 60 -19.45 27.69 0.19
N ILE A 61 -20.16 26.57 0.09
CA ILE A 61 -21.41 26.54 -0.65
C ILE A 61 -22.61 26.72 0.22
N GLY A 62 -22.49 26.40 1.48
CA GLY A 62 -23.61 26.66 2.32
C GLY A 62 -23.45 26.48 3.78
N PRO A 63 -24.57 26.46 4.46
CA PRO A 63 -24.58 26.25 5.90
C PRO A 63 -24.24 24.82 6.30
N PRO A 64 -23.93 24.58 7.58
CA PRO A 64 -23.66 23.23 8.03
C PRO A 64 -24.72 22.16 7.66
N PRO A 65 -26.05 22.46 7.64
CA PRO A 65 -26.97 21.42 7.20
C PRO A 65 -26.81 21.02 5.75
N ALA A 66 -26.99 19.75 5.43
CA ALA A 66 -26.77 19.23 4.08
C ALA A 66 -27.66 19.68 2.97
N ALA A 67 -28.93 19.84 3.25
CA ALA A 67 -29.87 20.32 2.27
C ALA A 67 -29.47 21.69 1.87
N LYS A 68 -29.05 22.45 2.84
CA LYS A 68 -28.56 23.78 2.61
C LYS A 68 -27.29 23.74 1.79
N SER A 69 -26.46 22.75 2.01
CA SER A 69 -25.19 22.64 1.31
C SER A 69 -24.94 21.60 0.24
N TYR A 70 -24.56 20.40 0.61
CA TYR A 70 -24.16 19.38 -0.37
C TYR A 70 -25.22 18.83 -1.25
N LEU A 71 -26.44 18.86 -0.76
CA LEU A 71 -27.57 18.41 -1.53
C LEU A 71 -28.21 19.57 -2.24
N ASN A 72 -27.58 20.74 -2.22
CA ASN A 72 -28.09 21.88 -2.98
C ASN A 72 -27.28 22.02 -4.23
N ALA A 73 -27.88 21.67 -5.36
CA ALA A 73 -27.25 21.78 -6.64
C ALA A 73 -26.96 23.16 -7.13
N PRO A 74 -27.88 24.11 -6.93
CA PRO A 74 -27.56 25.41 -7.49
C PRO A 74 -26.29 25.96 -6.92
N ALA A 75 -26.05 25.77 -5.63
CA ALA A 75 -24.83 26.21 -4.99
C ALA A 75 -23.60 25.51 -5.51
N LEU A 76 -23.67 24.22 -5.75
CA LEU A 76 -22.55 23.46 -6.29
C LEU A 76 -22.18 23.85 -7.69
N ILE A 77 -23.15 24.07 -8.53
CA ILE A 77 -22.88 24.54 -9.89
C ILE A 77 -22.27 25.92 -9.86
N SER A 78 -22.73 26.78 -8.97
CA SER A 78 -22.21 28.13 -8.84
C SER A 78 -20.77 28.08 -8.45
N ALA A 79 -20.43 27.18 -7.57
CA ALA A 79 -19.07 26.98 -7.14
C ALA A 79 -18.18 26.54 -8.25
N ALA A 80 -18.65 25.65 -9.09
CA ALA A 80 -17.88 25.24 -10.22
C ALA A 80 -17.63 26.39 -11.11
N LEU A 81 -18.64 27.19 -11.32
CA LEU A 81 -18.54 28.35 -12.18
C LEU A 81 -17.68 29.48 -11.71
N VAL A 82 -17.74 29.83 -10.44
CA VAL A 82 -16.86 30.86 -9.92
C VAL A 82 -15.45 30.39 -10.03
N SER A 83 -15.23 29.11 -9.77
CA SER A 83 -13.90 28.53 -9.78
C SER A 83 -13.31 28.10 -11.11
N GLY A 84 -14.09 28.03 -12.17
CA GLY A 84 -13.55 27.66 -13.43
C GLY A 84 -13.47 26.19 -13.64
N CYS A 85 -14.15 25.45 -12.80
CA CYS A 85 -14.18 24.03 -12.91
C CYS A 85 -14.96 23.62 -14.12
N ASP A 86 -14.48 22.64 -14.84
CA ASP A 86 -15.17 22.13 -16.01
C ASP A 86 -15.87 20.81 -15.79
N ALA A 87 -15.86 20.34 -14.55
CA ALA A 87 -16.45 19.09 -14.21
C ALA A 87 -16.76 19.05 -12.76
N ILE A 88 -17.72 18.23 -12.35
CA ILE A 88 -18.03 18.05 -10.95
C ILE A 88 -18.00 16.60 -10.58
N HIS A 89 -17.31 16.23 -9.51
CA HIS A 89 -17.34 14.85 -9.05
C HIS A 89 -18.29 14.74 -7.92
N PRO A 90 -19.36 13.99 -8.13
CA PRO A 90 -20.39 13.80 -7.13
C PRO A 90 -19.99 13.04 -5.89
N GLY A 91 -19.14 12.05 -6.04
CA GLY A 91 -18.75 11.24 -4.93
C GLY A 91 -19.68 10.11 -4.70
N TYR A 92 -19.74 9.67 -3.46
CA TYR A 92 -20.66 8.64 -3.10
C TYR A 92 -21.63 9.26 -2.16
N GLY A 93 -22.89 8.92 -2.33
CA GLY A 93 -23.88 9.54 -1.51
C GLY A 93 -24.27 10.87 -2.08
N PHE A 94 -25.07 11.59 -1.34
CA PHE A 94 -25.52 12.89 -1.78
C PHE A 94 -26.15 12.92 -3.13
N LEU A 95 -25.63 13.75 -4.01
CA LEU A 95 -26.22 13.95 -5.31
C LEU A 95 -25.62 13.12 -6.42
N SER A 96 -24.90 12.08 -6.07
CA SER A 96 -24.32 11.17 -7.05
C SER A 96 -25.34 10.43 -7.88
N GLU A 97 -26.38 9.98 -7.23
CA GLU A 97 -27.39 9.22 -7.89
C GLU A 97 -28.60 10.10 -8.06
N ASN A 98 -28.43 11.41 -8.07
CA ASN A 98 -29.53 12.31 -8.33
C ASN A 98 -29.47 12.66 -9.78
N PRO A 99 -30.58 12.41 -10.56
CA PRO A 99 -30.44 12.66 -11.99
C PRO A 99 -30.64 14.08 -12.39
N TYR A 100 -31.13 14.88 -11.47
CA TYR A 100 -31.37 16.26 -11.73
C TYR A 100 -30.07 16.99 -11.73
N PHE A 101 -29.21 16.66 -10.78
CA PHE A 101 -27.94 17.34 -10.68
C PHE A 101 -27.17 17.09 -11.94
N ALA A 102 -27.19 15.87 -12.42
CA ALA A 102 -26.52 15.53 -13.64
C ALA A 102 -27.01 16.34 -14.82
N GLU A 103 -28.31 16.52 -14.90
CA GLU A 103 -28.87 17.28 -15.98
C GLU A 103 -28.45 18.69 -15.86
N MET A 104 -28.54 19.26 -14.67
CA MET A 104 -28.10 20.63 -14.43
C MET A 104 -26.64 20.86 -14.73
N CYS A 105 -25.79 19.89 -14.43
CA CYS A 105 -24.38 20.01 -14.75
C CYS A 105 -24.24 20.14 -16.23
N ALA A 106 -24.97 19.35 -16.99
CA ALA A 106 -24.97 19.43 -18.45
C ALA A 106 -25.54 20.69 -19.03
N ASP A 107 -26.64 21.16 -18.47
CA ASP A 107 -27.29 22.37 -18.93
C ASP A 107 -26.35 23.52 -18.74
N CYS A 108 -25.58 23.49 -17.68
CA CYS A 108 -24.64 24.55 -17.37
C CYS A 108 -23.26 24.22 -17.95
N LYS A 109 -23.18 23.24 -18.84
CA LYS A 109 -21.95 22.87 -19.53
C LYS A 109 -20.82 22.37 -18.71
N LEU A 110 -21.12 21.61 -17.68
CA LEU A 110 -20.10 21.01 -16.87
C LEU A 110 -20.25 19.53 -17.05
N THR A 111 -19.15 18.80 -16.92
CA THR A 111 -19.17 17.38 -17.09
C THR A 111 -19.43 16.70 -15.78
N PHE A 112 -20.48 15.91 -15.74
CA PHE A 112 -20.78 15.18 -14.55
C PHE A 112 -19.99 13.93 -14.70
N ILE A 113 -19.23 13.62 -13.68
CA ILE A 113 -18.43 12.44 -13.73
C ILE A 113 -19.30 11.38 -13.18
N GLY A 114 -19.93 10.69 -14.11
CA GLY A 114 -20.79 9.63 -13.71
C GLY A 114 -21.62 9.10 -14.84
N PRO A 115 -22.62 8.30 -14.50
CA PRO A 115 -23.53 7.81 -15.50
C PRO A 115 -24.43 8.92 -16.06
N PRO A 116 -24.99 8.69 -17.23
CA PRO A 116 -25.86 9.68 -17.84
C PRO A 116 -27.11 9.73 -17.01
N PRO A 117 -27.91 10.77 -17.16
CA PRO A 117 -29.03 10.89 -16.25
C PRO A 117 -30.02 9.76 -16.26
N GLU A 118 -30.30 9.19 -17.41
CA GLU A 118 -31.27 8.13 -17.56
C GLU A 118 -31.00 6.79 -16.89
N PRO A 119 -29.77 6.28 -16.92
CA PRO A 119 -29.44 5.06 -16.18
C PRO A 119 -29.64 5.23 -14.70
N ILE A 120 -29.37 6.42 -14.19
CA ILE A 120 -29.62 6.72 -12.79
C ILE A 120 -31.07 6.62 -12.41
N ARG A 121 -31.95 7.16 -13.25
CA ARG A 121 -33.37 7.07 -13.01
C ARG A 121 -33.94 5.67 -13.06
N LEU A 122 -33.51 4.86 -14.01
CA LEU A 122 -33.98 3.49 -14.14
C LEU A 122 -33.59 2.66 -12.96
N MET A 123 -32.39 2.87 -12.46
CA MET A 123 -31.87 2.10 -11.35
C MET A 123 -32.18 2.74 -10.02
N GLY A 124 -32.80 3.92 -10.05
CA GLY A 124 -33.25 4.60 -8.83
C GLY A 124 -34.38 3.91 -8.16
N ASP A 125 -35.26 3.33 -8.94
CA ASP A 125 -36.34 2.56 -8.37
C ASP A 125 -35.88 1.18 -8.50
N LYS A 126 -35.90 0.47 -7.40
CA LYS A 126 -35.41 -0.87 -7.40
C LYS A 126 -36.21 -1.74 -8.30
N ALA A 127 -37.51 -1.57 -8.27
CA ALA A 127 -38.36 -2.39 -9.07
C ALA A 127 -38.15 -2.24 -10.54
N ILE A 128 -38.01 -1.03 -11.00
CA ILE A 128 -37.81 -0.79 -12.40
C ILE A 128 -36.48 -1.37 -12.79
N GLY A 129 -35.51 -1.24 -11.92
CA GLY A 129 -34.20 -1.79 -12.19
C GLY A 129 -34.15 -3.27 -12.29
N ARG A 130 -34.86 -3.94 -11.42
CA ARG A 130 -34.90 -5.38 -11.45
C ARG A 130 -35.52 -5.80 -12.75
N GLU A 131 -36.56 -5.12 -13.17
CA GLU A 131 -37.14 -5.39 -14.46
C GLU A 131 -36.28 -5.02 -15.65
N THR A 132 -35.56 -3.92 -15.56
CA THR A 132 -34.67 -3.55 -16.64
C THR A 132 -33.66 -4.63 -16.80
N MET A 133 -33.31 -5.27 -15.70
CA MET A 133 -32.28 -6.28 -15.76
C MET A 133 -32.85 -7.59 -16.16
N ARG A 134 -34.09 -7.85 -15.84
CA ARG A 134 -34.72 -9.06 -16.29
C ARG A 134 -34.79 -9.00 -17.79
N LYS A 135 -35.10 -7.85 -18.34
CA LYS A 135 -35.14 -7.67 -19.76
C LYS A 135 -33.79 -7.89 -20.37
N ALA A 136 -32.74 -7.48 -19.68
CA ALA A 136 -31.38 -7.72 -20.13
C ALA A 136 -31.01 -9.18 -20.15
N GLY A 137 -31.59 -9.95 -19.24
CA GLY A 137 -31.20 -11.33 -19.14
C GLY A 137 -30.38 -11.57 -17.93
N VAL A 138 -30.27 -10.57 -17.07
CA VAL A 138 -29.57 -10.73 -15.82
C VAL A 138 -30.52 -11.46 -14.92
N PRO A 139 -30.03 -12.50 -14.28
CA PRO A 139 -30.89 -13.24 -13.39
C PRO A 139 -31.36 -12.42 -12.21
N THR A 140 -32.59 -12.62 -11.82
CA THR A 140 -33.17 -11.88 -10.72
C THR A 140 -33.93 -12.88 -9.89
N VAL A 141 -34.40 -12.47 -8.72
CA VAL A 141 -35.09 -13.37 -7.81
C VAL A 141 -36.24 -14.11 -8.43
N PRO A 142 -36.35 -15.40 -8.10
CA PRO A 142 -37.44 -16.19 -8.63
C PRO A 142 -38.79 -15.75 -8.07
N SER A 150 -55.24 -15.33 -8.80
CA SER A 150 -55.93 -16.55 -8.46
C SER A 150 -55.16 -17.44 -7.55
N LEU A 151 -55.85 -18.10 -6.64
CA LEU A 151 -55.20 -18.92 -5.66
C LEU A 151 -54.59 -20.05 -6.38
N GLU A 152 -55.30 -20.54 -7.36
CA GLU A 152 -54.82 -21.68 -8.06
C GLU A 152 -53.54 -21.36 -8.82
N GLU A 153 -53.48 -20.19 -9.44
CA GLU A 153 -52.32 -19.83 -10.18
C GLU A 153 -51.17 -19.76 -9.23
N ALA A 154 -51.44 -19.37 -7.99
CA ALA A 154 -50.40 -19.21 -6.99
C ALA A 154 -49.81 -20.51 -6.50
N ILE A 155 -50.60 -21.55 -6.44
CA ILE A 155 -50.07 -22.84 -6.05
C ILE A 155 -49.20 -23.34 -7.14
N ASP A 156 -49.63 -23.12 -8.36
CA ASP A 156 -48.88 -23.61 -9.47
C ASP A 156 -47.55 -22.90 -9.57
N VAL A 157 -47.52 -21.59 -9.35
CA VAL A 157 -46.24 -20.89 -9.35
C VAL A 157 -45.34 -21.39 -8.24
N ALA A 158 -45.91 -21.81 -7.13
CA ALA A 158 -45.13 -22.26 -6.00
C ALA A 158 -44.52 -23.63 -6.17
N ARG A 159 -45.12 -24.44 -7.03
CA ARG A 159 -44.58 -25.75 -7.26
C ARG A 159 -43.45 -25.69 -8.26
N GLN A 160 -43.04 -24.49 -8.67
CA GLN A 160 -41.88 -24.38 -9.53
C GLN A 160 -40.85 -23.56 -8.82
N ILE A 161 -41.15 -23.16 -7.59
CA ILE A 161 -40.21 -22.40 -6.79
C ILE A 161 -39.96 -23.07 -5.45
N VAL A 216 -28.28 -16.74 2.05
CA VAL A 216 -27.86 -15.88 0.95
C VAL A 216 -26.79 -14.87 1.35
N ARG A 217 -25.64 -14.91 0.70
CA ARG A 217 -24.63 -13.90 0.95
C ARG A 217 -24.95 -12.70 0.12
N HIS A 218 -24.34 -11.56 0.43
CA HIS A 218 -24.53 -10.39 -0.40
C HIS A 218 -23.26 -10.11 -1.12
N VAL A 219 -23.30 -10.21 -2.43
CA VAL A 219 -22.11 -10.05 -3.23
C VAL A 219 -22.33 -8.93 -4.24
N GLU A 220 -21.38 -8.03 -4.39
CA GLU A 220 -21.49 -6.90 -5.30
C GLU A 220 -20.50 -6.94 -6.46
N ILE A 221 -20.96 -6.62 -7.67
CA ILE A 221 -20.12 -6.65 -8.87
C ILE A 221 -19.74 -5.29 -9.39
N GLN A 222 -18.45 -5.07 -9.61
CA GLN A 222 -17.98 -3.80 -10.10
C GLN A 222 -17.91 -3.72 -11.59
N VAL A 223 -18.47 -2.65 -12.15
CA VAL A 223 -18.48 -2.44 -13.58
C VAL A 223 -17.89 -1.08 -13.91
N LEU A 224 -17.46 -0.89 -15.15
CA LEU A 224 -16.87 0.36 -15.58
C LEU A 224 -17.09 0.44 -17.05
N ALA A 225 -17.40 1.62 -17.56
CA ALA A 225 -17.73 1.78 -18.96
C ALA A 225 -17.31 3.04 -19.67
N ASP A 226 -17.20 2.97 -20.99
CA ASP A 226 -16.79 4.09 -21.81
C ASP A 226 -17.96 4.87 -22.36
N GLN A 227 -17.69 5.92 -23.12
CA GLN A 227 -18.76 6.64 -23.77
C GLN A 227 -18.81 6.08 -25.17
N TYR A 228 -18.29 4.89 -25.37
CA TYR A 228 -18.17 4.32 -26.68
C TYR A 228 -18.64 2.90 -26.71
N GLY A 229 -19.12 2.37 -25.59
CA GLY A 229 -19.71 1.04 -25.58
C GLY A 229 -18.92 -0.10 -25.01
N HIS A 230 -17.75 0.19 -24.47
CA HIS A 230 -16.92 -0.84 -23.89
C HIS A 230 -17.09 -0.76 -22.45
N ALA A 231 -17.38 -1.90 -21.87
CA ALA A 231 -17.56 -1.96 -20.48
C ALA A 231 -16.82 -3.15 -19.98
N ILE A 232 -16.37 -3.09 -18.74
CA ILE A 232 -15.70 -4.23 -18.16
C ILE A 232 -16.21 -4.48 -16.77
N HIS A 233 -15.91 -5.64 -16.22
CA HIS A 233 -16.21 -5.95 -14.85
C HIS A 233 -14.91 -6.07 -14.10
N LEU A 234 -14.93 -5.68 -12.85
CA LEU A 234 -13.71 -5.67 -12.07
C LEU A 234 -13.90 -6.51 -10.87
N GLY A 235 -14.77 -7.48 -10.99
CA GLY A 235 -14.95 -8.40 -9.91
C GLY A 235 -15.99 -8.25 -8.88
N GLU A 236 -15.94 -9.10 -7.88
CA GLU A 236 -16.93 -9.11 -6.84
C GLU A 236 -16.40 -8.77 -5.47
N ARG A 237 -17.27 -8.26 -4.61
CA ARG A 237 -16.90 -8.00 -3.24
C ARG A 237 -17.98 -8.57 -2.33
N ASP A 238 -17.60 -9.07 -1.16
CA ASP A 238 -18.57 -9.67 -0.25
C ASP A 238 -18.83 -8.77 0.92
N CYS A 239 -20.10 -8.56 1.20
CA CYS A 239 -20.50 -7.73 2.30
C CYS A 239 -20.93 -8.61 3.44
N LYS A 247 -22.90 -2.15 6.57
CA LYS A 247 -21.64 -2.66 6.08
C LYS A 247 -20.48 -2.17 6.89
N ILE A 248 -19.84 -3.08 7.61
CA ILE A 248 -18.69 -2.73 8.42
C ILE A 248 -17.42 -3.36 7.90
N VAL A 249 -17.53 -4.48 7.21
CA VAL A 249 -16.38 -5.17 6.65
C VAL A 249 -16.69 -5.62 5.24
N GLU A 250 -15.76 -5.37 4.33
CA GLU A 250 -15.94 -5.77 2.95
C GLU A 250 -14.68 -6.46 2.53
N GLU A 251 -14.82 -7.60 1.88
CA GLU A 251 -13.70 -8.34 1.38
C GLU A 251 -13.80 -8.70 -0.06
N ALA A 252 -12.71 -8.59 -0.79
CA ALA A 252 -12.68 -9.01 -2.16
C ALA A 252 -11.43 -9.87 -2.18
N PRO A 253 -11.45 -11.09 -2.81
CA PRO A 253 -12.57 -11.79 -3.42
C PRO A 253 -13.53 -12.42 -2.46
N SER A 254 -14.67 -12.82 -2.97
CA SER A 254 -15.65 -13.49 -2.14
C SER A 254 -15.17 -14.86 -1.82
N PRO A 255 -15.44 -15.29 -0.61
CA PRO A 255 -14.88 -16.55 -0.23
C PRO A 255 -15.76 -17.69 -0.71
N ALA A 256 -16.86 -17.38 -1.35
CA ALA A 256 -17.73 -18.40 -1.89
C ALA A 256 -17.80 -18.37 -3.38
N VAL A 257 -16.97 -17.56 -4.00
CA VAL A 257 -17.04 -17.40 -5.43
C VAL A 257 -15.89 -17.99 -6.18
N THR A 258 -16.22 -18.91 -7.07
CA THR A 258 -15.24 -19.54 -7.89
C THR A 258 -14.93 -18.63 -9.04
N PRO A 259 -13.81 -18.88 -9.69
CA PRO A 259 -13.45 -18.00 -10.79
C PRO A 259 -14.51 -18.03 -11.86
N GLU A 260 -15.07 -19.19 -12.12
CA GLU A 260 -16.07 -19.35 -13.13
C GLU A 260 -17.36 -18.62 -12.89
N LEU A 261 -17.90 -18.63 -11.67
CA LEU A 261 -19.09 -17.86 -11.35
C LEU A 261 -18.88 -16.39 -11.46
N ARG A 262 -17.73 -15.92 -11.03
CA ARG A 262 -17.42 -14.52 -11.07
C ARG A 262 -17.48 -14.08 -12.47
N GLU A 263 -16.96 -14.88 -13.36
CA GLU A 263 -16.97 -14.53 -14.73
C GLU A 263 -18.37 -14.45 -15.25
N ARG A 264 -19.19 -15.41 -14.89
CA ARG A 264 -20.59 -15.39 -15.28
C ARG A 264 -21.39 -14.26 -14.67
N MET A 265 -21.19 -14.00 -13.40
CA MET A 265 -21.90 -12.94 -12.72
C MET A 265 -21.53 -11.64 -13.35
N GLY A 266 -20.28 -11.46 -13.66
CA GLY A 266 -19.82 -10.27 -14.31
C GLY A 266 -20.26 -9.96 -15.69
N ALA A 267 -20.33 -10.97 -16.52
CA ALA A 267 -20.79 -10.80 -17.88
C ALA A 267 -22.20 -10.35 -17.97
N ASP A 268 -23.04 -10.93 -17.14
CA ASP A 268 -24.42 -10.58 -17.11
C ASP A 268 -24.52 -9.15 -16.70
N ALA A 269 -23.71 -8.76 -15.75
CA ALA A 269 -23.68 -7.38 -15.31
C ALA A 269 -23.21 -6.39 -16.33
N VAL A 270 -22.16 -6.71 -17.05
CA VAL A 270 -21.64 -5.85 -18.08
C VAL A 270 -22.67 -5.72 -19.14
N ARG A 271 -23.33 -6.81 -19.47
CA ARG A 271 -24.37 -6.79 -20.45
C ARG A 271 -25.50 -5.92 -20.05
N GLY A 272 -25.91 -5.99 -18.81
CA GLY A 272 -26.96 -5.13 -18.32
C GLY A 272 -26.64 -3.67 -18.30
N ILE A 273 -25.44 -3.32 -17.89
CA ILE A 273 -25.05 -1.94 -17.87
C ILE A 273 -25.02 -1.45 -19.28
N LYS A 274 -24.62 -2.30 -20.19
CA LYS A 274 -24.63 -1.95 -21.59
C LYS A 274 -26.04 -1.74 -22.10
N SER A 275 -26.99 -2.50 -21.58
CA SER A 275 -28.40 -2.36 -21.94
C SER A 275 -28.96 -1.03 -21.55
N ILE A 276 -28.60 -0.52 -20.40
CA ILE A 276 -29.13 0.70 -19.94
C ILE A 276 -28.28 1.85 -20.43
N GLY A 277 -27.23 1.55 -21.16
CA GLY A 277 -26.36 2.58 -21.68
C GLY A 277 -25.55 3.26 -20.61
N TYR A 278 -24.82 2.50 -19.82
CA TYR A 278 -24.14 3.08 -18.69
C TYR A 278 -22.79 3.58 -19.02
N VAL A 279 -22.39 4.67 -18.39
CA VAL A 279 -21.07 5.23 -18.58
C VAL A 279 -20.43 5.40 -17.18
N ASN A 280 -19.12 5.25 -17.03
CA ASN A 280 -18.39 5.32 -15.75
C ASN A 280 -18.49 4.10 -14.87
N ALA A 281 -18.22 4.31 -13.59
CA ALA A 281 -18.23 3.22 -12.64
C ALA A 281 -19.52 3.02 -11.91
N GLY A 282 -19.75 1.79 -11.53
CA GLY A 282 -20.98 1.47 -10.87
C GLY A 282 -20.88 0.12 -10.29
N THR A 283 -21.88 -0.29 -9.53
CA THR A 283 -21.83 -1.54 -8.86
C THR A 283 -23.20 -2.16 -8.78
N LEU A 284 -23.34 -3.38 -9.24
CA LEU A 284 -24.60 -4.11 -9.17
C LEU A 284 -24.57 -5.11 -8.04
N GLU A 285 -25.53 -5.05 -7.12
CA GLU A 285 -25.62 -5.98 -6.01
C GLU A 285 -26.43 -7.19 -6.30
N PHE A 286 -25.96 -8.34 -5.85
CA PHE A 286 -26.63 -9.58 -6.12
C PHE A 286 -26.76 -10.33 -4.82
N LEU A 287 -27.65 -11.32 -4.78
CA LEU A 287 -27.78 -12.14 -3.59
C LEU A 287 -27.34 -13.53 -3.99
N LEU A 288 -26.53 -14.18 -3.16
CA LEU A 288 -25.97 -15.47 -3.54
C LEU A 288 -26.47 -16.69 -2.84
N ASP A 289 -26.90 -17.68 -3.60
CA ASP A 289 -27.38 -18.93 -3.06
C ASP A 289 -26.43 -20.00 -2.60
N GLN A 290 -26.95 -20.96 -1.87
CA GLN A 290 -26.18 -22.13 -1.47
C GLN A 290 -25.57 -22.81 -2.68
N ASP A 291 -26.38 -22.97 -3.70
CA ASP A 291 -25.95 -23.63 -4.91
C ASP A 291 -25.20 -22.80 -5.95
N GLY A 292 -24.97 -21.55 -5.65
CA GLY A 292 -24.29 -20.69 -6.59
C GLY A 292 -25.11 -19.95 -7.62
N ASN A 293 -26.40 -19.92 -7.42
CA ASN A 293 -27.24 -19.16 -8.31
C ASN A 293 -27.36 -17.75 -7.81
N TYR A 294 -27.30 -16.81 -8.72
CA TYR A 294 -27.30 -15.42 -8.34
C TYR A 294 -28.49 -14.62 -8.79
N TYR A 295 -28.96 -13.75 -7.92
CA TYR A 295 -30.10 -12.93 -8.23
C TYR A 295 -29.83 -11.46 -8.01
N PHE A 296 -30.01 -10.65 -9.02
CA PHE A 296 -29.78 -9.23 -8.93
C PHE A 296 -30.75 -8.51 -8.05
N ILE A 297 -30.27 -7.52 -7.31
CA ILE A 297 -31.09 -6.75 -6.41
C ILE A 297 -31.11 -5.27 -6.76
N GLU A 298 -29.97 -4.61 -6.77
CA GLU A 298 -29.91 -3.18 -7.05
C GLU A 298 -28.65 -2.74 -7.70
N MET A 299 -28.65 -1.58 -8.34
CA MET A 299 -27.43 -1.04 -8.90
C MET A 299 -27.16 0.33 -8.39
N ASN A 300 -25.91 0.58 -8.02
CA ASN A 300 -25.52 1.89 -7.56
C ASN A 300 -24.77 2.58 -8.66
N THR A 301 -25.28 3.68 -9.09
CA THR A 301 -24.70 4.45 -10.16
C THR A 301 -23.77 5.50 -9.63
N ARG A 302 -22.74 5.09 -8.90
CA ARG A 302 -21.85 6.01 -8.29
C ARG A 302 -20.63 5.25 -7.93
N ILE A 303 -19.76 5.83 -7.12
CA ILE A 303 -18.64 5.12 -6.62
C ILE A 303 -19.13 4.67 -5.26
N GLN A 304 -18.55 3.64 -4.71
CA GLN A 304 -18.92 3.19 -3.41
C GLN A 304 -17.84 3.38 -2.41
N VAL A 305 -18.15 3.18 -1.15
CA VAL A 305 -17.20 3.33 -0.08
C VAL A 305 -16.39 2.10 -0.24
N GLU A 306 -16.93 1.07 -0.84
CA GLU A 306 -16.24 -0.19 -0.89
C GLU A 306 -15.28 -0.42 -2.03
N HIS A 307 -14.97 0.60 -2.78
CA HIS A 307 -14.06 0.50 -3.91
C HIS A 307 -12.59 0.13 -3.71
N PRO A 308 -11.94 0.59 -2.64
CA PRO A 308 -10.52 0.34 -2.51
C PRO A 308 -10.15 -1.13 -2.39
N VAL A 309 -11.04 -1.96 -1.89
CA VAL A 309 -10.80 -3.39 -1.83
C VAL A 309 -10.72 -3.99 -3.20
N THR A 310 -11.61 -3.59 -4.11
CA THR A 310 -11.51 -4.06 -5.49
C THR A 310 -10.21 -3.69 -6.14
N GLU A 311 -9.77 -2.49 -5.87
CA GLU A 311 -8.55 -2.00 -6.44
C GLU A 311 -7.36 -2.81 -5.99
N GLN A 312 -7.34 -3.20 -4.75
CA GLN A 312 -6.20 -3.91 -4.26
C GLN A 312 -6.06 -5.22 -4.92
N VAL A 313 -7.15 -5.91 -5.12
CA VAL A 313 -7.16 -7.20 -5.78
C VAL A 313 -6.86 -7.16 -7.26
N THR A 314 -7.26 -6.09 -7.92
CA THR A 314 -7.11 -5.96 -9.37
C THR A 314 -6.04 -5.03 -9.90
N GLY A 315 -5.50 -4.17 -9.07
CA GLY A 315 -4.53 -3.19 -9.55
C GLY A 315 -5.03 -2.05 -10.36
N ILE A 316 -6.28 -1.67 -10.14
CA ILE A 316 -6.91 -0.62 -10.92
C ILE A 316 -7.36 0.56 -10.11
N ASP A 317 -7.03 1.78 -10.54
CA ASP A 317 -7.50 2.97 -9.87
C ASP A 317 -8.79 3.30 -10.53
N LEU A 318 -9.86 2.97 -9.85
CA LEU A 318 -11.17 3.23 -10.35
C LEU A 318 -11.54 4.68 -10.43
N VAL A 319 -11.16 5.45 -9.43
CA VAL A 319 -11.45 6.88 -9.42
C VAL A 319 -10.76 7.64 -10.52
N ARG A 320 -9.52 7.32 -10.81
CA ARG A 320 -8.83 7.93 -11.92
C ARG A 320 -9.50 7.57 -13.22
N TRP A 321 -9.94 6.34 -13.36
CA TRP A 321 -10.64 5.90 -14.56
C TRP A 321 -11.92 6.62 -14.77
N GLN A 322 -12.64 6.95 -13.72
CA GLN A 322 -13.83 7.77 -13.86
C GLN A 322 -13.51 9.12 -14.43
N LEU A 323 -12.46 9.75 -13.93
CA LEU A 323 -12.06 11.04 -14.45
C LEU A 323 -11.63 10.95 -15.87
N LEU A 324 -10.92 9.91 -16.22
CA LEU A 324 -10.53 9.70 -17.61
C LEU A 324 -11.66 9.41 -18.54
N ILE A 325 -12.60 8.60 -18.15
CA ILE A 325 -13.76 8.31 -18.97
C ILE A 325 -14.56 9.57 -19.18
N ALA A 326 -14.69 10.37 -18.15
CA ALA A 326 -15.42 11.62 -18.23
C ALA A 326 -14.71 12.54 -19.17
N SER A 327 -13.39 12.43 -19.22
CA SER A 327 -12.60 13.22 -20.13
C SER A 327 -12.95 12.88 -21.56
N GLY A 328 -13.49 11.70 -21.80
CA GLY A 328 -13.81 11.27 -23.13
C GLY A 328 -12.86 10.25 -23.66
N GLU A 329 -12.02 9.73 -22.79
CA GLU A 329 -11.08 8.71 -23.18
C GLU A 329 -11.62 7.31 -23.20
N ARG A 330 -11.01 6.45 -24.00
CA ARG A 330 -11.42 5.06 -24.08
C ARG A 330 -10.90 4.16 -22.98
N LEU A 331 -11.60 3.08 -22.72
CA LEU A 331 -11.17 2.12 -21.73
C LEU A 331 -10.27 1.25 -22.47
N THR A 332 -9.00 1.34 -22.14
CA THR A 332 -8.01 0.60 -22.84
C THR A 332 -7.85 -0.72 -22.18
N LEU A 333 -8.56 -0.92 -21.10
CA LEU A 333 -8.52 -2.17 -20.42
C LEU A 333 -9.47 -3.16 -21.03
N ARG A 334 -9.21 -4.42 -20.81
CA ARG A 334 -10.04 -5.44 -21.36
C ARG A 334 -10.25 -6.45 -20.25
N GLN A 335 -11.16 -7.39 -20.43
CA GLN A 335 -11.43 -8.41 -19.42
C GLN A 335 -10.33 -9.39 -19.17
N GLU A 336 -9.63 -9.75 -20.21
CA GLU A 336 -8.53 -10.65 -20.07
C GLU A 336 -7.52 -10.00 -19.19
N ASP A 337 -7.39 -8.70 -19.30
CA ASP A 337 -6.46 -7.95 -18.51
C ASP A 337 -6.78 -7.96 -17.03
N ILE A 338 -8.05 -8.04 -16.68
CA ILE A 338 -8.42 -7.94 -15.29
C ILE A 338 -8.47 -9.29 -14.65
N LYS A 339 -7.70 -9.46 -13.57
CA LYS A 339 -7.63 -10.73 -12.86
C LYS A 339 -7.49 -10.44 -11.36
N ILE A 340 -7.95 -11.33 -10.51
CA ILE A 340 -7.86 -11.14 -9.07
C ILE A 340 -6.63 -11.83 -8.60
N THR A 341 -5.75 -11.07 -7.95
CA THR A 341 -4.47 -11.61 -7.54
C THR A 341 -4.24 -11.74 -6.07
N ARG A 342 -4.98 -11.00 -5.27
CA ARG A 342 -4.72 -10.99 -3.84
C ARG A 342 -6.01 -11.06 -3.09
N HIS A 343 -5.93 -11.31 -1.79
CA HIS A 343 -7.14 -11.26 -0.99
C HIS A 343 -7.13 -10.04 -0.14
N ALA A 344 -8.18 -9.24 -0.21
CA ALA A 344 -8.27 -7.99 0.50
C ALA A 344 -9.49 -7.83 1.35
N ILE A 345 -9.35 -7.21 2.50
CA ILE A 345 -10.47 -6.93 3.36
C ILE A 345 -10.45 -5.48 3.80
N GLU A 346 -11.60 -4.83 3.82
CA GLU A 346 -11.70 -3.46 4.27
C GLU A 346 -12.53 -3.33 5.48
N CYS A 347 -12.06 -2.58 6.45
CA CYS A 347 -12.80 -2.32 7.64
C CYS A 347 -13.02 -0.84 7.75
N ARG A 348 -14.25 -0.42 8.06
CA ARG A 348 -14.56 0.99 8.21
C ARG A 348 -14.52 1.42 9.67
N ILE A 349 -13.74 2.45 9.96
CA ILE A 349 -13.61 2.88 11.33
C ILE A 349 -14.49 4.04 11.45
N ASN A 350 -15.40 3.97 12.39
CA ASN A 350 -16.39 4.98 12.52
C ASN A 350 -16.37 5.34 13.97
N ALA A 351 -16.98 6.45 14.31
CA ALA A 351 -17.08 6.86 15.68
C ALA A 351 -17.83 5.88 16.53
N GLU A 364 -12.25 15.33 19.77
CA GLU A 364 -11.17 15.65 18.89
C GLU A 364 -10.27 14.46 18.68
N VAL A 365 -9.72 14.31 17.48
CA VAL A 365 -8.77 13.28 17.23
C VAL A 365 -7.54 14.01 17.62
N GLU A 366 -7.19 13.93 18.89
CA GLU A 366 -6.02 14.60 19.41
C GLU A 366 -4.80 14.01 18.82
N PHE A 367 -4.80 12.70 18.67
CA PHE A 367 -3.69 12.02 18.07
C PHE A 367 -4.20 11.08 17.02
N TYR A 368 -3.58 11.10 15.86
CA TYR A 368 -3.90 10.17 14.81
C TYR A 368 -2.66 9.61 14.27
N LEU A 369 -2.46 8.32 14.47
CA LEU A 369 -1.36 7.68 13.84
C LEU A 369 -2.01 6.60 13.07
N PRO A 370 -1.95 6.71 11.77
CA PRO A 370 -2.48 5.66 10.94
C PRO A 370 -1.63 4.46 11.02
N PRO A 371 -2.15 3.39 10.50
CA PRO A 371 -1.23 2.28 10.48
C PRO A 371 -0.32 2.39 9.27
N GLY A 372 0.45 1.37 8.99
CA GLY A 372 1.31 1.42 7.84
C GLY A 372 2.11 0.17 7.66
N GLY A 373 3.09 0.22 6.77
CA GLY A 373 3.90 -0.92 6.51
C GLY A 373 3.44 -1.79 5.39
N PRO A 374 3.88 -3.04 5.42
CA PRO A 374 3.44 -3.98 4.41
C PRO A 374 1.97 -4.31 4.41
N GLY A 375 1.31 -4.21 3.27
CA GLY A 375 -0.08 -4.64 3.16
C GLY A 375 -1.19 -3.81 3.69
N VAL A 376 -0.98 -2.51 3.84
CA VAL A 376 -1.96 -1.63 4.44
C VAL A 376 -2.23 -0.43 3.57
N ARG A 377 -3.50 -0.03 3.47
CA ARG A 377 -3.87 1.16 2.74
C ARG A 377 -4.81 1.87 3.64
N VAL A 378 -4.53 3.12 3.89
CA VAL A 378 -5.39 3.92 4.72
C VAL A 378 -5.99 5.03 3.94
N ASP A 379 -7.31 5.03 3.83
CA ASP A 379 -8.00 6.07 3.15
C ASP A 379 -8.77 6.83 4.19
N SER A 380 -8.30 8.02 4.55
CA SER A 380 -8.94 8.79 5.60
C SER A 380 -8.70 10.27 5.45
N HIS A 381 -9.47 11.08 6.16
CA HIS A 381 -9.34 12.52 6.13
C HIS A 381 -8.93 13.00 7.47
N LEU A 382 -8.54 12.08 8.32
CA LEU A 382 -8.21 12.44 9.66
C LEU A 382 -6.84 12.96 9.84
N TYR A 383 -6.66 13.71 10.91
CA TYR A 383 -5.38 14.26 11.22
C TYR A 383 -5.44 14.54 12.70
N SER A 384 -4.28 14.74 13.31
CA SER A 384 -4.24 15.04 14.71
C SER A 384 -4.60 16.48 14.93
N GLY A 385 -5.71 16.73 15.59
CA GLY A 385 -6.14 18.06 15.86
C GLY A 385 -7.45 18.28 15.20
N TYR A 386 -8.09 17.20 14.80
CA TYR A 386 -9.33 17.28 14.09
C TYR A 386 -10.49 17.14 14.97
N THR A 387 -11.37 18.14 14.97
CA THR A 387 -12.61 18.03 15.71
C THR A 387 -13.60 17.61 14.67
N PRO A 388 -14.04 16.37 14.75
CA PRO A 388 -14.94 15.88 13.75
C PRO A 388 -16.33 16.47 13.80
N PRO A 389 -16.82 16.91 12.66
CA PRO A 389 -18.18 17.41 12.62
C PRO A 389 -19.15 16.26 12.65
N GLY A 390 -20.22 16.36 13.41
CA GLY A 390 -21.11 15.24 13.51
C GLY A 390 -22.31 15.43 12.65
N THR A 391 -22.27 16.42 11.79
CA THR A 391 -23.40 16.75 11.00
C THR A 391 -23.68 15.81 9.86
N TYR A 392 -22.76 14.91 9.59
CA TYR A 392 -22.93 14.09 8.41
C TYR A 392 -22.75 12.61 8.60
N ASP A 393 -21.53 12.18 8.90
CA ASP A 393 -21.35 10.77 9.17
C ASP A 393 -20.64 10.27 10.38
N SER A 394 -20.40 8.97 10.40
CA SER A 394 -19.69 8.32 11.44
C SER A 394 -18.25 8.01 11.06
N LEU A 395 -18.10 7.79 9.77
CA LEU A 395 -16.81 7.53 9.20
C LEU A 395 -15.63 8.37 9.49
N LEU A 396 -14.59 7.72 9.98
CA LEU A 396 -13.38 8.42 10.28
C LEU A 396 -12.24 7.91 9.39
N ALA A 397 -12.06 6.61 9.31
CA ALA A 397 -11.01 6.01 8.49
C ALA A 397 -11.37 4.70 7.85
N LYS A 398 -10.66 4.34 6.79
CA LYS A 398 -10.87 3.06 6.13
C LYS A 398 -9.57 2.35 5.89
N ILE A 399 -9.31 1.32 6.68
CA ILE A 399 -8.09 0.54 6.55
C ILE A 399 -8.39 -0.66 5.69
N ILE A 400 -7.55 -0.90 4.71
CA ILE A 400 -7.77 -1.98 3.77
C ILE A 400 -6.53 -2.80 3.74
N THR A 401 -6.63 -4.02 4.20
CA THR A 401 -5.49 -4.89 4.22
C THR A 401 -5.56 -5.99 3.20
N PHE A 402 -4.45 -6.23 2.53
CA PHE A 402 -4.37 -7.26 1.55
C PHE A 402 -3.38 -8.34 1.89
N GLY A 403 -3.41 -9.39 1.11
CA GLY A 403 -2.52 -10.50 1.34
C GLY A 403 -2.70 -11.47 0.21
N ASP A 404 -2.02 -12.60 0.28
CA ASP A 404 -2.09 -13.57 -0.81
C ASP A 404 -3.03 -14.64 -0.39
N THR A 405 -3.41 -14.64 0.87
CA THR A 405 -4.38 -15.58 1.37
C THR A 405 -5.38 -14.73 2.14
N ARG A 406 -6.52 -15.29 2.53
CA ARG A 406 -7.54 -14.56 3.27
C ARG A 406 -7.13 -14.36 4.66
N ASP A 407 -6.46 -15.35 5.20
CA ASP A 407 -5.97 -15.27 6.55
C ASP A 407 -4.77 -14.36 6.67
N GLU A 408 -4.00 -14.19 5.62
CA GLU A 408 -2.91 -13.25 5.64
C GLU A 408 -3.45 -11.88 5.79
N ALA A 409 -4.51 -11.56 5.08
CA ALA A 409 -5.12 -10.27 5.13
C ALA A 409 -5.82 -10.00 6.40
N LEU A 410 -6.33 -11.04 7.03
CA LEU A 410 -7.09 -10.87 8.22
C LEU A 410 -6.15 -10.66 9.35
N ASN A 411 -4.96 -11.20 9.23
CA ASN A 411 -3.96 -11.04 10.25
C ASN A 411 -3.22 -9.73 10.11
N ARG A 412 -3.19 -9.15 8.93
CA ARG A 412 -2.59 -7.86 8.75
C ARG A 412 -3.48 -6.76 9.20
N MET A 413 -4.78 -7.02 9.27
CA MET A 413 -5.72 -6.05 9.77
C MET A 413 -5.69 -6.08 11.24
N ARG A 414 -5.40 -7.23 11.78
CA ARG A 414 -5.30 -7.38 13.20
C ARG A 414 -4.29 -6.41 13.61
N ARG A 415 -3.15 -6.42 12.96
CA ARG A 415 -2.06 -5.55 13.33
C ARG A 415 -2.38 -4.14 13.12
N ALA A 416 -2.90 -3.80 11.97
CA ALA A 416 -3.23 -2.44 11.64
C ALA A 416 -4.37 -1.80 12.40
N LEU A 417 -5.12 -2.59 13.12
CA LEU A 417 -6.18 -2.06 13.90
C LEU A 417 -5.70 -1.93 15.30
N ASN A 418 -4.60 -2.58 15.63
CA ASN A 418 -4.02 -2.39 16.94
C ASN A 418 -2.91 -1.36 16.82
N GLU A 419 -2.71 -0.80 15.63
CA GLU A 419 -1.72 0.24 15.41
C GLU A 419 -2.37 1.55 15.12
N CYS A 420 -3.62 1.53 14.69
CA CYS A 420 -4.29 2.76 14.35
C CYS A 420 -4.57 3.43 15.61
N VAL A 421 -3.97 4.58 15.86
CA VAL A 421 -4.17 5.25 17.14
C VAL A 421 -5.06 6.47 16.98
N ILE A 422 -6.37 6.27 16.97
CA ILE A 422 -7.29 7.40 16.91
C ILE A 422 -7.64 7.74 18.34
N THR A 423 -6.92 8.69 18.92
CA THR A 423 -7.15 9.01 20.33
C THR A 423 -8.01 10.24 20.55
N GLY A 424 -8.71 10.28 21.68
CA GLY A 424 -9.56 11.41 21.98
C GLY A 424 -11.00 11.12 21.61
N ILE A 425 -11.23 10.05 20.85
CA ILE A 425 -12.55 9.69 20.45
C ILE A 425 -12.63 8.18 20.50
N LYS A 426 -13.83 7.66 20.66
CA LYS A 426 -14.03 6.23 20.76
C LYS A 426 -14.30 5.86 19.37
N THR A 427 -13.84 4.70 18.96
CA THR A 427 -13.99 4.32 17.58
C THR A 427 -14.55 2.93 17.43
N THR A 428 -14.79 2.51 16.20
CA THR A 428 -15.25 1.14 15.94
C THR A 428 -14.16 0.10 15.77
N ILE A 429 -12.92 0.49 16.01
CA ILE A 429 -11.82 -0.45 15.95
C ILE A 429 -11.96 -1.59 16.93
N PRO A 430 -12.39 -1.32 18.17
CA PRO A 430 -12.48 -2.46 19.04
C PRO A 430 -13.43 -3.56 18.58
N PHE A 431 -14.57 -3.20 18.02
CA PHE A 431 -15.51 -4.18 17.49
C PHE A 431 -14.96 -4.94 16.34
N GLN A 432 -14.31 -4.25 15.43
CA GLN A 432 -13.83 -4.89 14.24
C GLN A 432 -12.78 -5.92 14.54
N LEU A 433 -11.98 -5.66 15.55
CA LEU A 433 -10.98 -6.61 15.99
C LEU A 433 -11.62 -7.87 16.48
N ALA A 434 -12.73 -7.76 17.16
CA ALA A 434 -13.45 -8.93 17.55
C ALA A 434 -13.97 -9.70 16.36
N LEU A 435 -14.50 -9.01 15.37
CA LEU A 435 -15.06 -9.67 14.21
C LEU A 435 -14.04 -10.43 13.42
N ILE A 436 -12.86 -9.87 13.26
CA ILE A 436 -11.87 -10.52 12.43
C ILE A 436 -11.49 -11.83 13.02
N ASP A 437 -11.43 -11.88 14.34
CA ASP A 437 -11.05 -13.10 15.01
C ASP A 437 -12.23 -13.87 15.51
N ASP A 438 -13.43 -13.50 15.08
CA ASP A 438 -14.60 -14.28 15.42
C ASP A 438 -14.30 -15.56 14.71
N PRO A 439 -14.54 -16.67 15.38
CA PRO A 439 -14.34 -17.94 14.72
C PRO A 439 -15.23 -18.12 13.51
N GLU A 440 -16.43 -17.57 13.56
CA GLU A 440 -17.40 -17.70 12.48
C GLU A 440 -17.01 -16.84 11.29
N PHE A 441 -16.28 -15.77 11.54
CA PHE A 441 -15.81 -14.95 10.45
C PHE A 441 -14.64 -15.63 9.71
N ILE B 12 10.12 -20.07 15.82
CA ILE B 12 10.47 -18.93 16.63
C ILE B 12 9.31 -18.57 17.49
N ARG B 13 9.54 -18.48 18.79
CA ARG B 13 8.52 -18.01 19.67
C ARG B 13 8.64 -16.51 19.88
N LYS B 14 9.81 -16.06 20.27
CA LYS B 14 10.01 -14.63 20.53
C LYS B 14 11.29 -14.06 19.99
N VAL B 15 11.20 -12.89 19.36
CA VAL B 15 12.37 -12.22 18.83
C VAL B 15 12.69 -10.93 19.53
N LEU B 16 13.97 -10.60 19.61
CA LEU B 16 14.38 -9.34 20.15
C LEU B 16 14.78 -8.48 19.01
N VAL B 17 14.27 -7.27 18.99
CA VAL B 17 14.58 -6.38 17.95
C VAL B 17 15.71 -5.64 18.57
N ALA B 18 16.85 -5.67 17.92
CA ALA B 18 18.05 -5.09 18.44
C ALA B 18 18.34 -3.78 17.80
N ASN B 19 17.35 -3.20 17.16
CA ASN B 19 17.55 -1.96 16.47
C ASN B 19 16.53 -0.95 16.89
N ARG B 20 16.73 0.29 16.47
CA ARG B 20 15.82 1.34 16.81
C ARG B 20 15.27 1.91 15.57
N GLY B 21 14.15 2.60 15.70
CA GLY B 21 13.65 3.29 14.55
C GLY B 21 12.58 2.74 13.71
N GLU B 22 12.56 3.18 12.48
CA GLU B 22 11.57 2.75 11.56
C GLU B 22 11.76 1.32 11.42
N ILE B 23 13.01 0.90 11.38
CA ILE B 23 13.25 -0.46 11.08
C ILE B 23 12.60 -1.29 12.09
N ALA B 24 12.73 -1.02 13.36
CA ALA B 24 12.22 -1.92 14.37
C ALA B 24 10.75 -2.19 14.23
N VAL B 25 9.99 -1.18 13.87
CA VAL B 25 8.57 -1.34 13.64
C VAL B 25 8.34 -2.32 12.51
N ARG B 26 9.20 -2.36 11.51
CA ARG B 26 9.08 -3.31 10.41
C ARG B 26 9.16 -4.73 10.88
N ILE B 27 10.13 -5.04 11.70
CA ILE B 27 10.31 -6.38 12.23
C ILE B 27 9.22 -6.77 13.17
N ILE B 28 8.77 -5.85 14.01
CA ILE B 28 7.65 -6.10 14.90
C ILE B 28 6.40 -6.36 14.12
N ARG B 29 6.22 -5.61 13.06
CA ARG B 29 5.07 -5.78 12.20
C ARG B 29 5.06 -7.11 11.57
N ALA B 30 6.20 -7.54 11.12
CA ALA B 30 6.32 -8.81 10.48
C ALA B 30 6.14 -9.93 11.43
N CYS B 31 6.70 -9.77 12.60
CA CYS B 31 6.61 -10.79 13.59
C CYS B 31 5.18 -10.99 13.98
N GLN B 32 4.45 -9.90 14.17
CA GLN B 32 3.06 -9.97 14.57
C GLN B 32 2.20 -10.65 13.55
N GLU B 33 2.46 -10.41 12.29
CA GLU B 33 1.73 -11.08 11.23
C GLU B 33 1.98 -12.56 11.23
N LEU B 34 3.14 -12.98 11.69
CA LEU B 34 3.48 -14.40 11.78
C LEU B 34 3.23 -15.01 13.14
N GLY B 35 2.66 -14.25 14.06
CA GLY B 35 2.37 -14.74 15.40
C GLY B 35 3.51 -14.76 16.35
N ILE B 36 4.50 -13.93 16.10
CA ILE B 36 5.69 -13.94 16.90
C ILE B 36 5.75 -12.81 17.88
N ARG B 37 6.13 -13.14 19.10
CA ARG B 37 6.23 -12.15 20.13
C ARG B 37 7.46 -11.35 19.99
N THR B 38 7.35 -10.08 20.29
CA THR B 38 8.43 -9.15 20.11
C THR B 38 8.88 -8.42 21.33
N VAL B 39 10.17 -8.39 21.59
CA VAL B 39 10.69 -7.59 22.67
C VAL B 39 11.67 -6.64 22.03
N VAL B 40 11.55 -5.37 22.33
CA VAL B 40 12.45 -4.38 21.76
C VAL B 40 13.54 -4.00 22.73
N ALA B 41 14.69 -3.69 22.20
CA ALA B 41 15.79 -3.27 23.01
C ALA B 41 15.98 -1.82 22.72
N TYR B 42 16.01 -1.00 23.74
CA TYR B 42 16.10 0.43 23.56
C TYR B 42 17.15 1.14 24.35
N SER B 43 17.59 2.28 23.85
CA SER B 43 18.51 3.10 24.59
C SER B 43 17.65 4.02 25.38
N THR B 44 18.24 4.72 26.34
CA THR B 44 17.51 5.63 27.17
C THR B 44 16.88 6.70 26.28
N ALA B 45 17.55 7.08 25.23
CA ALA B 45 17.02 8.00 24.26
C ALA B 45 15.84 7.46 23.51
N ASP B 46 15.80 6.16 23.27
CA ASP B 46 14.75 5.54 22.45
C ASP B 46 13.56 4.94 23.17
N ARG B 47 13.34 5.31 24.40
CA ARG B 47 12.17 4.89 25.16
C ARG B 47 10.91 5.53 24.66
N ASP B 48 11.01 6.68 24.04
CA ASP B 48 9.86 7.42 23.57
C ASP B 48 9.43 6.98 22.23
N SER B 49 10.10 6.00 21.69
CA SER B 49 9.84 5.53 20.37
C SER B 49 8.54 4.79 20.22
N LEU B 50 8.05 4.73 19.00
CA LEU B 50 6.85 3.97 18.69
C LEU B 50 7.11 2.51 18.89
N ALA B 51 8.31 2.07 18.66
CA ALA B 51 8.65 0.68 18.78
C ALA B 51 8.37 0.20 20.16
N VAL B 52 8.62 1.03 21.16
CA VAL B 52 8.31 0.68 22.52
C VAL B 52 6.82 0.48 22.72
N ARG B 53 5.99 1.33 22.13
CA ARG B 53 4.55 1.10 22.17
C ARG B 53 4.07 -0.12 21.43
N LEU B 54 4.55 -0.30 20.22
CA LEU B 54 4.10 -1.38 19.38
C LEU B 54 4.50 -2.72 19.86
N ALA B 55 5.67 -2.80 20.44
CA ALA B 55 6.19 -4.04 20.95
C ALA B 55 5.60 -4.62 22.19
N ASP B 56 5.58 -5.92 22.25
CA ASP B 56 5.00 -6.60 23.36
C ASP B 56 5.73 -6.32 24.66
N GLU B 57 7.05 -6.34 24.64
CA GLU B 57 7.82 -6.09 25.83
C GLU B 57 9.02 -5.27 25.45
N ALA B 58 9.63 -4.62 26.43
CA ALA B 58 10.79 -3.77 26.19
C ALA B 58 11.92 -3.84 27.21
N VAL B 59 13.17 -3.86 26.76
CA VAL B 59 14.34 -3.91 27.65
C VAL B 59 15.32 -2.80 27.35
N CYS B 60 15.73 -2.03 28.34
CA CYS B 60 16.75 -1.02 28.14
C CYS B 60 18.01 -1.78 28.14
N ILE B 61 18.78 -1.65 27.08
CA ILE B 61 20.03 -2.37 26.97
C ILE B 61 21.17 -1.40 27.25
N GLY B 62 20.87 -0.15 27.51
CA GLY B 62 21.91 0.77 27.83
C GLY B 62 21.77 2.23 27.51
N PRO B 63 22.84 3.00 27.73
CA PRO B 63 22.87 4.44 27.51
C PRO B 63 22.82 4.92 26.06
N PRO B 64 22.61 6.23 25.82
CA PRO B 64 22.49 6.69 24.45
C PRO B 64 23.62 6.37 23.49
N PRO B 65 24.91 6.25 23.94
CA PRO B 65 25.86 5.88 22.89
C PRO B 65 25.67 4.45 22.40
N ALA B 66 25.89 4.20 21.12
CA ALA B 66 25.71 2.88 20.55
C ALA B 66 26.60 1.80 21.09
N ALA B 67 27.85 2.11 21.34
CA ALA B 67 28.76 1.14 21.88
C ALA B 67 28.26 0.70 23.20
N LYS B 68 27.76 1.64 23.97
CA LYS B 68 27.18 1.32 25.24
C LYS B 68 25.91 0.53 25.15
N SER B 69 25.08 0.81 24.15
CA SER B 69 23.80 0.14 24.04
C SER B 69 23.59 -0.85 22.92
N TYR B 70 23.66 -0.41 21.69
CA TYR B 70 23.33 -1.26 20.57
C TYR B 70 24.45 -2.03 20.01
N LEU B 71 25.65 -1.73 20.45
CA LEU B 71 26.80 -2.48 20.02
C LEU B 71 27.29 -3.32 21.16
N ASN B 72 26.47 -3.41 22.20
CA ASN B 72 26.81 -4.24 23.32
C ASN B 72 26.14 -5.52 23.16
N ALA B 73 26.86 -6.47 22.62
CA ALA B 73 26.35 -7.78 22.43
C ALA B 73 26.03 -8.47 23.72
N PRO B 74 26.86 -8.28 24.74
CA PRO B 74 26.45 -8.90 25.98
C PRO B 74 25.10 -8.44 26.51
N ALA B 75 24.80 -7.16 26.46
CA ALA B 75 23.53 -6.65 26.94
C ALA B 75 22.40 -7.16 26.14
N LEU B 76 22.57 -7.18 24.85
CA LEU B 76 21.56 -7.68 23.96
C LEU B 76 21.29 -9.17 24.12
N ILE B 77 22.32 -9.97 24.26
CA ILE B 77 22.11 -11.38 24.48
C ILE B 77 21.43 -11.64 25.79
N SER B 78 21.84 -10.94 26.83
CA SER B 78 21.24 -11.12 28.12
C SER B 78 19.82 -10.75 28.09
N ALA B 79 19.50 -9.68 27.38
CA ALA B 79 18.15 -9.18 27.31
C ALA B 79 17.28 -10.19 26.68
N ALA B 80 17.77 -10.82 25.66
CA ALA B 80 17.00 -11.81 25.03
C ALA B 80 16.70 -12.90 25.98
N LEU B 81 17.69 -13.36 26.66
CA LEU B 81 17.50 -14.48 27.52
C LEU B 81 16.55 -14.19 28.65
N VAL B 82 16.67 -13.03 29.25
CA VAL B 82 15.82 -12.65 30.36
C VAL B 82 14.40 -12.52 29.93
N SER B 83 14.19 -12.08 28.70
CA SER B 83 12.86 -11.84 28.21
C SER B 83 12.17 -12.99 27.54
N GLY B 84 12.82 -14.13 27.42
CA GLY B 84 12.22 -15.30 26.81
C GLY B 84 12.42 -15.36 25.33
N CYS B 85 13.21 -14.45 24.82
CA CYS B 85 13.48 -14.43 23.42
C CYS B 85 14.38 -15.56 23.02
N ASP B 86 14.07 -16.17 21.89
CA ASP B 86 14.89 -17.24 21.36
C ASP B 86 15.56 -16.83 20.08
N ALA B 87 15.28 -15.64 19.61
CA ALA B 87 15.87 -15.16 18.39
C ALA B 87 16.26 -13.73 18.53
N ILE B 88 17.22 -13.30 17.73
CA ILE B 88 17.61 -11.90 17.73
C ILE B 88 17.64 -11.42 16.30
N HIS B 89 16.85 -10.41 15.96
CA HIS B 89 16.90 -9.84 14.65
C HIS B 89 17.82 -8.68 14.74
N PRO B 90 19.00 -8.74 14.03
CA PRO B 90 19.90 -7.61 14.24
C PRO B 90 19.53 -6.33 13.52
N GLY B 91 18.50 -6.36 12.68
CA GLY B 91 18.09 -5.23 11.90
C GLY B 91 19.05 -4.94 10.81
N TYR B 92 19.17 -3.68 10.49
CA TYR B 92 20.15 -3.29 9.56
C TYR B 92 20.98 -2.40 10.40
N GLY B 93 22.24 -2.24 10.04
CA GLY B 93 23.10 -1.41 10.80
C GLY B 93 23.50 -2.04 12.09
N PHE B 94 24.30 -1.33 12.86
CA PHE B 94 24.75 -1.84 14.13
C PHE B 94 25.50 -3.14 14.00
N LEU B 95 24.98 -4.21 14.58
CA LEU B 95 25.68 -5.48 14.58
C LEU B 95 25.08 -6.44 13.61
N SER B 96 24.39 -5.92 12.62
CA SER B 96 23.75 -6.72 11.61
C SER B 96 24.72 -7.56 10.85
N GLU B 97 25.88 -7.03 10.58
CA GLU B 97 26.89 -7.75 9.87
C GLU B 97 28.12 -7.93 10.71
N ASN B 98 27.95 -8.13 12.01
CA ASN B 98 29.07 -8.41 12.89
C ASN B 98 29.12 -9.88 13.01
N PRO B 99 30.29 -10.47 12.63
CA PRO B 99 30.32 -11.92 12.67
C PRO B 99 30.26 -12.48 14.06
N TYR B 100 30.80 -11.74 15.00
CA TYR B 100 30.82 -12.17 16.36
C TYR B 100 29.48 -12.28 16.99
N PHE B 101 28.59 -11.33 16.76
CA PHE B 101 27.30 -11.33 17.40
C PHE B 101 26.54 -12.54 16.97
N ALA B 102 26.69 -12.92 15.73
CA ALA B 102 26.08 -14.13 15.25
C ALA B 102 26.59 -15.35 15.94
N GLU B 103 27.89 -15.47 16.07
CA GLU B 103 28.45 -16.60 16.77
C GLU B 103 28.03 -16.55 18.19
N MET B 104 28.07 -15.39 18.79
CA MET B 104 27.75 -15.24 20.18
C MET B 104 26.34 -15.62 20.47
N CYS B 105 25.47 -15.41 19.50
CA CYS B 105 24.07 -15.74 19.66
C CYS B 105 23.90 -17.23 19.70
N ALA B 106 24.66 -17.95 18.89
CA ALA B 106 24.57 -19.39 18.81
C ALA B 106 25.04 -20.07 20.03
N ASP B 107 26.14 -19.57 20.57
CA ASP B 107 26.72 -20.16 21.73
C ASP B 107 25.82 -20.00 22.93
N CYS B 108 24.98 -18.98 22.89
CA CYS B 108 24.11 -18.69 24.00
C CYS B 108 22.72 -19.14 23.63
N LYS B 109 22.62 -20.05 22.67
CA LYS B 109 21.34 -20.65 22.24
C LYS B 109 20.26 -19.74 21.74
N LEU B 110 20.63 -18.84 20.84
CA LEU B 110 19.69 -17.89 20.29
C LEU B 110 19.84 -17.97 18.80
N THR B 111 18.86 -17.46 18.09
CA THR B 111 18.89 -17.53 16.66
C THR B 111 19.09 -16.19 16.05
N PHE B 112 20.19 -16.03 15.37
CA PHE B 112 20.43 -14.81 14.69
C PHE B 112 19.52 -14.84 13.50
N ILE B 113 18.76 -13.77 13.29
CA ILE B 113 17.94 -13.70 12.11
C ILE B 113 18.79 -13.12 11.05
N GLY B 114 19.63 -13.96 10.49
CA GLY B 114 20.46 -13.55 9.41
C GLY B 114 21.42 -14.58 8.80
N PRO B 115 22.55 -14.16 8.16
CA PRO B 115 23.39 -15.15 7.52
C PRO B 115 24.31 -15.87 8.49
N PRO B 116 25.02 -16.90 8.02
CA PRO B 116 25.99 -17.53 8.90
C PRO B 116 27.22 -16.66 9.14
N PRO B 117 28.02 -16.95 10.17
CA PRO B 117 29.16 -16.09 10.52
C PRO B 117 30.29 -15.95 9.52
N GLU B 118 30.44 -16.87 8.59
CA GLU B 118 31.51 -16.89 7.60
C GLU B 118 31.14 -16.18 6.29
N PRO B 119 29.93 -16.34 5.74
CA PRO B 119 29.55 -15.47 4.62
C PRO B 119 29.45 -14.01 5.05
N ILE B 120 29.10 -13.77 6.32
CA ILE B 120 29.27 -12.44 6.91
C ILE B 120 30.74 -12.02 6.86
N ARG B 121 31.65 -12.93 7.21
CA ARG B 121 33.05 -12.54 7.41
C ARG B 121 33.75 -12.27 6.08
N LEU B 122 33.61 -13.19 5.12
CA LEU B 122 34.19 -13.01 3.80
C LEU B 122 33.71 -11.71 3.18
N MET B 123 32.38 -11.52 3.14
CA MET B 123 31.77 -10.35 2.53
C MET B 123 31.98 -9.08 3.32
N GLY B 124 32.34 -9.20 4.61
CA GLY B 124 32.61 -8.02 5.42
C GLY B 124 33.76 -7.19 4.89
N ASP B 125 34.85 -7.84 4.51
CA ASP B 125 35.94 -7.13 3.87
C ASP B 125 35.59 -7.07 2.42
N LYS B 126 35.57 -5.88 1.87
CA LYS B 126 35.25 -5.70 0.49
C LYS B 126 36.23 -6.38 -0.41
N ALA B 127 37.49 -6.34 -0.07
CA ALA B 127 38.52 -6.97 -0.87
C ALA B 127 38.37 -8.43 -0.95
N ILE B 128 38.09 -9.05 0.18
CA ILE B 128 37.86 -10.46 0.21
C ILE B 128 36.58 -10.77 -0.51
N GLY B 129 35.59 -9.92 -0.39
CA GLY B 129 34.36 -10.11 -1.11
C GLY B 129 34.50 -10.09 -2.59
N ARG B 130 35.26 -9.15 -3.11
CA ARG B 130 35.48 -9.07 -4.53
C ARG B 130 36.13 -10.32 -4.97
N GLU B 131 37.10 -10.77 -4.21
CA GLU B 131 37.80 -11.97 -4.55
C GLU B 131 37.00 -13.22 -4.49
N THR B 132 36.21 -13.37 -3.47
CA THR B 132 35.41 -14.55 -3.33
C THR B 132 34.44 -14.66 -4.46
N MET B 133 33.87 -13.55 -4.89
CA MET B 133 32.91 -13.54 -5.99
C MET B 133 33.57 -13.72 -7.35
N ARG B 134 34.80 -13.28 -7.51
CA ARG B 134 35.51 -13.50 -8.74
C ARG B 134 35.71 -14.98 -8.93
N LYS B 135 36.03 -15.67 -7.86
CA LYS B 135 36.29 -17.09 -7.93
C LYS B 135 35.01 -17.85 -8.00
N ALA B 136 33.91 -17.13 -7.95
CA ALA B 136 32.62 -17.76 -8.04
C ALA B 136 31.98 -17.43 -9.36
N GLY B 137 32.70 -16.77 -10.23
CA GLY B 137 32.20 -16.52 -11.56
C GLY B 137 31.47 -15.24 -11.80
N VAL B 138 31.47 -14.36 -10.82
CA VAL B 138 30.73 -13.12 -10.93
C VAL B 138 31.66 -12.03 -11.38
N PRO B 139 31.20 -11.20 -12.38
CA PRO B 139 32.17 -10.20 -12.80
C PRO B 139 32.43 -9.16 -11.77
N THR B 140 33.68 -8.83 -11.54
CA THR B 140 34.06 -7.83 -10.59
C THR B 140 34.66 -6.64 -11.28
N VAL B 141 34.74 -5.51 -10.60
CA VAL B 141 35.27 -4.31 -11.19
C VAL B 141 36.76 -4.46 -11.45
N PRO B 142 37.23 -4.00 -12.61
CA PRO B 142 38.68 -4.04 -12.84
C PRO B 142 39.42 -3.32 -11.74
N GLY B 143 40.37 -4.01 -11.10
CA GLY B 143 41.12 -3.42 -10.00
C GLY B 143 42.15 -4.24 -9.27
N SER B 144 42.29 -4.03 -7.96
CA SER B 144 43.26 -4.76 -7.15
C SER B 144 42.84 -6.17 -6.96
N ASP B 145 43.79 -7.08 -6.98
CA ASP B 145 43.44 -8.44 -6.72
C ASP B 145 43.90 -8.62 -5.31
N GLY B 146 43.03 -8.31 -4.37
CA GLY B 146 43.40 -8.38 -2.98
C GLY B 146 43.49 -6.98 -2.45
N GLU B 147 44.31 -6.78 -1.44
CA GLU B 147 44.45 -5.48 -0.89
C GLU B 147 45.71 -4.86 -1.39
N VAL B 148 45.78 -3.55 -1.36
CA VAL B 148 46.95 -2.82 -1.81
C VAL B 148 48.00 -2.68 -0.72
N LEU B 207 43.22 -1.13 2.42
CA LEU B 207 42.80 -0.32 1.32
C LEU B 207 42.72 -1.11 0.08
N LEU B 208 41.72 -0.84 -0.73
CA LEU B 208 41.56 -1.48 -1.98
C LEU B 208 41.52 -0.48 -3.06
N LEU B 209 41.88 -0.85 -4.26
CA LEU B 209 41.83 0.06 -5.35
C LEU B 209 40.96 -0.54 -6.42
N GLU B 210 40.23 0.31 -7.12
CA GLU B 210 39.38 -0.13 -8.18
C GLU B 210 39.53 0.98 -9.17
N LYS B 211 39.00 0.80 -10.35
CA LYS B 211 39.03 1.86 -11.33
C LYS B 211 37.81 2.69 -11.12
N TYR B 212 37.87 3.92 -11.57
CA TYR B 212 36.74 4.78 -11.42
C TYR B 212 35.91 4.60 -12.62
N LEU B 213 34.73 4.03 -12.42
CA LEU B 213 33.84 3.85 -13.50
C LEU B 213 32.86 4.99 -13.43
N THR B 214 32.78 5.76 -14.49
CA THR B 214 31.96 6.95 -14.49
C THR B 214 30.60 6.79 -15.10
N ARG B 215 30.57 6.22 -16.28
CA ARG B 215 29.33 6.04 -16.98
C ARG B 215 28.71 4.76 -16.56
N VAL B 216 28.45 4.66 -15.26
CA VAL B 216 27.88 3.45 -14.74
C VAL B 216 26.75 3.75 -13.81
N ARG B 217 25.88 2.78 -13.63
CA ARG B 217 24.74 2.97 -12.76
C ARG B 217 24.81 2.00 -11.64
N HIS B 218 24.26 2.38 -10.50
CA HIS B 218 24.29 1.53 -9.34
C HIS B 218 23.05 0.72 -9.25
N VAL B 219 23.18 -0.57 -9.51
CA VAL B 219 22.05 -1.47 -9.46
C VAL B 219 22.38 -2.60 -8.50
N GLU B 220 21.41 -3.08 -7.76
CA GLU B 220 21.64 -4.12 -6.77
C GLU B 220 20.67 -5.27 -6.82
N ILE B 221 21.14 -6.48 -6.55
CA ILE B 221 20.30 -7.69 -6.59
C ILE B 221 19.98 -8.29 -5.25
N GLN B 222 18.70 -8.48 -4.97
CA GLN B 222 18.25 -9.05 -3.72
C GLN B 222 18.29 -10.52 -3.79
N VAL B 223 18.85 -11.12 -2.78
CA VAL B 223 18.95 -12.54 -2.75
C VAL B 223 18.34 -13.06 -1.46
N LEU B 224 17.71 -14.19 -1.54
CA LEU B 224 17.10 -14.77 -0.38
C LEU B 224 17.53 -16.16 -0.49
N ALA B 225 17.77 -16.79 0.64
CA ALA B 225 18.28 -18.13 0.64
C ALA B 225 17.90 -18.86 1.87
N ASP B 226 17.93 -20.17 1.80
CA ASP B 226 17.61 -21.00 2.95
C ASP B 226 18.77 -21.83 3.47
N GLN B 227 18.58 -22.49 4.58
CA GLN B 227 19.59 -23.36 5.16
C GLN B 227 19.81 -24.64 4.42
N TYR B 228 18.92 -24.98 3.51
CA TYR B 228 19.01 -26.20 2.76
C TYR B 228 19.62 -26.02 1.40
N GLY B 229 20.20 -24.87 1.14
CA GLY B 229 20.86 -24.64 -0.14
C GLY B 229 20.08 -24.10 -1.29
N HIS B 230 18.88 -23.65 -1.05
CA HIS B 230 18.06 -23.09 -2.08
C HIS B 230 18.09 -21.60 -2.01
N ALA B 231 18.18 -20.98 -3.16
CA ALA B 231 18.25 -19.57 -3.21
C ALA B 231 17.53 -18.97 -4.36
N ILE B 232 16.93 -17.82 -4.14
CA ILE B 232 16.28 -17.10 -5.21
C ILE B 232 16.68 -15.65 -5.25
N HIS B 233 16.62 -15.03 -6.40
CA HIS B 233 16.82 -13.61 -6.48
C HIS B 233 15.45 -13.02 -6.60
N LEU B 234 15.30 -11.82 -6.11
CA LEU B 234 14.01 -11.18 -6.13
C LEU B 234 14.14 -9.88 -6.84
N GLY B 235 15.02 -9.83 -7.81
CA GLY B 235 15.13 -8.66 -8.61
C GLY B 235 16.17 -7.63 -8.38
N GLU B 236 16.09 -6.54 -9.12
CA GLU B 236 17.02 -5.47 -8.99
C GLU B 236 16.43 -4.22 -8.40
N ARG B 237 17.31 -3.32 -7.99
CA ARG B 237 16.89 -2.06 -7.45
C ARG B 237 17.89 -1.01 -7.91
N ASP B 238 17.44 0.02 -8.60
CA ASP B 238 18.30 1.11 -9.05
C ASP B 238 18.52 2.02 -7.88
N CYS B 239 19.67 1.88 -7.23
CA CYS B 239 19.93 2.64 -6.02
C CYS B 239 20.61 3.92 -6.35
N SER B 240 20.64 4.22 -7.63
CA SER B 240 21.22 5.43 -8.07
C SER B 240 20.29 6.53 -7.60
N ALA B 241 20.83 7.72 -7.30
CA ALA B 241 20.09 8.86 -6.74
C ALA B 241 19.87 8.74 -5.25
N LYS B 247 22.11 7.24 -0.42
CA LYS B 247 20.96 6.83 -1.20
C LYS B 247 19.77 7.56 -0.65
N ILE B 248 19.18 8.42 -1.45
CA ILE B 248 18.03 9.18 -1.01
C ILE B 248 16.82 8.69 -1.77
N VAL B 249 17.04 8.13 -2.96
CA VAL B 249 15.96 7.60 -3.77
C VAL B 249 16.34 6.25 -4.38
N GLU B 250 15.43 5.30 -4.36
CA GLU B 250 15.67 3.99 -4.90
C GLU B 250 14.48 3.58 -5.73
N GLU B 251 14.70 2.83 -6.81
CA GLU B 251 13.63 2.44 -7.71
C GLU B 251 13.72 1.03 -8.19
N ALA B 252 12.60 0.45 -8.56
CA ALA B 252 12.53 -0.91 -9.06
C ALA B 252 11.31 -1.04 -9.97
N PRO B 253 11.47 -1.43 -11.22
CA PRO B 253 12.63 -1.94 -11.95
C PRO B 253 13.57 -0.87 -12.41
N SER B 254 14.77 -1.27 -12.81
CA SER B 254 15.74 -0.32 -13.27
C SER B 254 15.42 0.00 -14.68
N PRO B 255 15.61 1.24 -15.04
CA PRO B 255 15.40 1.62 -16.42
C PRO B 255 16.44 1.12 -17.39
N ALA B 256 17.41 0.34 -16.93
CA ALA B 256 18.47 -0.11 -17.78
C ALA B 256 18.46 -1.61 -17.84
N VAL B 257 17.78 -2.23 -16.91
CA VAL B 257 17.79 -3.66 -16.84
C VAL B 257 16.61 -4.22 -17.55
N THR B 258 16.88 -5.05 -18.55
CA THR B 258 15.86 -5.63 -19.32
C THR B 258 15.55 -6.88 -18.58
N PRO B 259 14.39 -7.46 -18.82
CA PRO B 259 14.04 -8.72 -18.19
C PRO B 259 15.06 -9.85 -18.28
N GLU B 260 15.74 -10.02 -19.41
CA GLU B 260 16.77 -11.02 -19.53
C GLU B 260 17.94 -10.73 -18.64
N LEU B 261 18.44 -9.51 -18.66
CA LEU B 261 19.54 -9.10 -17.81
C LEU B 261 19.26 -9.27 -16.33
N ARG B 262 18.02 -9.21 -15.94
CA ARG B 262 17.66 -9.36 -14.56
C ARG B 262 17.90 -10.79 -14.26
N GLU B 263 17.59 -11.65 -15.20
CA GLU B 263 17.74 -13.07 -14.96
C GLU B 263 19.18 -13.48 -15.00
N ARG B 264 19.99 -12.76 -15.74
CA ARG B 264 21.38 -13.07 -15.82
C ARG B 264 22.11 -12.56 -14.61
N MET B 265 21.89 -11.32 -14.26
CA MET B 265 22.55 -10.72 -13.14
C MET B 265 22.20 -11.44 -11.88
N GLY B 266 20.95 -11.77 -11.72
CA GLY B 266 20.51 -12.45 -10.55
C GLY B 266 20.94 -13.86 -10.43
N ALA B 267 21.24 -14.49 -11.54
CA ALA B 267 21.73 -15.84 -11.51
C ALA B 267 23.16 -15.86 -11.02
N ASP B 268 23.92 -14.85 -11.38
CA ASP B 268 25.28 -14.76 -10.94
C ASP B 268 25.28 -14.52 -9.45
N ALA B 269 24.33 -13.74 -8.97
CA ALA B 269 24.21 -13.49 -7.55
C ALA B 269 23.77 -14.69 -6.76
N VAL B 270 22.88 -15.49 -7.28
CA VAL B 270 22.40 -16.68 -6.61
C VAL B 270 23.48 -17.75 -6.45
N ARG B 271 24.34 -17.87 -7.43
CA ARG B 271 25.39 -18.86 -7.36
C ARG B 271 26.48 -18.45 -6.46
N GLY B 272 26.69 -17.16 -6.38
CA GLY B 272 27.74 -16.65 -5.55
C GLY B 272 27.40 -16.86 -4.12
N ILE B 273 26.18 -16.59 -3.78
CA ILE B 273 25.77 -16.78 -2.42
C ILE B 273 25.65 -18.24 -2.05
N LYS B 274 25.57 -19.09 -3.03
CA LYS B 274 25.49 -20.51 -2.80
C LYS B 274 26.87 -21.00 -2.58
N SER B 275 27.83 -20.37 -3.22
CA SER B 275 29.21 -20.72 -3.03
C SER B 275 29.71 -20.32 -1.67
N ILE B 276 29.29 -19.18 -1.18
CA ILE B 276 29.67 -18.73 0.14
C ILE B 276 28.90 -19.35 1.27
N GLY B 277 27.81 -20.04 0.95
CA GLY B 277 27.01 -20.72 1.95
C GLY B 277 26.06 -19.83 2.68
N TYR B 278 25.32 -19.02 1.95
CA TYR B 278 24.47 -18.04 2.56
C TYR B 278 23.10 -18.52 2.93
N VAL B 279 22.52 -17.91 3.95
CA VAL B 279 21.23 -18.23 4.39
C VAL B 279 20.69 -16.86 4.66
N ASN B 280 19.41 -16.65 4.47
CA ASN B 280 18.74 -15.38 4.74
C ASN B 280 18.86 -14.32 3.64
N ALA B 281 18.44 -13.09 3.92
CA ALA B 281 18.45 -12.02 2.95
C ALA B 281 19.74 -11.30 2.88
N GLY B 282 20.09 -10.86 1.69
CA GLY B 282 21.32 -10.14 1.50
C GLY B 282 21.16 -9.45 0.20
N THR B 283 22.05 -8.53 -0.12
CA THR B 283 21.96 -7.79 -1.34
C THR B 283 23.32 -7.61 -1.95
N LEU B 284 23.52 -8.14 -3.14
CA LEU B 284 24.77 -7.98 -3.86
C LEU B 284 24.70 -6.73 -4.68
N GLU B 285 25.69 -5.87 -4.55
CA GLU B 285 25.65 -4.61 -5.25
C GLU B 285 26.56 -4.60 -6.42
N PHE B 286 26.04 -4.18 -7.57
CA PHE B 286 26.78 -4.21 -8.81
C PHE B 286 26.89 -2.82 -9.42
N LEU B 287 27.59 -2.69 -10.54
CA LEU B 287 27.66 -1.43 -11.29
C LEU B 287 27.42 -1.84 -12.74
N LEU B 288 26.70 -1.05 -13.52
CA LEU B 288 26.34 -1.45 -14.88
C LEU B 288 26.79 -0.48 -15.93
N ASP B 289 27.55 -0.97 -16.90
CA ASP B 289 28.06 -0.07 -17.93
C ASP B 289 27.06 0.36 -18.98
N GLN B 290 27.46 1.32 -19.79
CA GLN B 290 26.59 1.84 -20.82
C GLN B 290 26.17 0.77 -21.77
N ASP B 291 27.00 -0.26 -21.92
CA ASP B 291 26.68 -1.32 -22.84
C ASP B 291 25.98 -2.47 -22.17
N GLY B 292 25.69 -2.34 -20.87
CA GLY B 292 24.92 -3.34 -20.19
C GLY B 292 25.63 -4.42 -19.47
N ASN B 293 26.85 -4.17 -19.03
CA ASN B 293 27.61 -5.21 -18.41
C ASN B 293 27.81 -4.93 -16.96
N TYR B 294 27.74 -5.96 -16.15
CA TYR B 294 27.78 -5.76 -14.72
C TYR B 294 29.06 -6.06 -14.02
N TYR B 295 29.35 -5.32 -12.95
CA TYR B 295 30.57 -5.46 -12.22
C TYR B 295 30.32 -5.35 -10.75
N PHE B 296 30.54 -6.43 -10.02
CA PHE B 296 30.31 -6.46 -8.59
C PHE B 296 31.24 -5.56 -7.85
N ILE B 297 30.70 -4.87 -6.85
CA ILE B 297 31.45 -4.00 -6.01
C ILE B 297 31.35 -4.30 -4.53
N GLU B 298 30.15 -4.65 -4.09
CA GLU B 298 29.92 -4.90 -2.68
C GLU B 298 28.76 -5.80 -2.36
N MET B 299 28.66 -6.22 -1.12
CA MET B 299 27.55 -7.05 -0.67
C MET B 299 27.17 -6.69 0.73
N ASN B 300 25.88 -6.52 0.96
CA ASN B 300 25.41 -6.31 2.31
C ASN B 300 24.70 -7.55 2.78
N THR B 301 25.22 -8.17 3.81
CA THR B 301 24.68 -9.39 4.35
C THR B 301 23.64 -9.06 5.39
N ARG B 302 22.64 -8.30 5.00
CA ARG B 302 21.63 -7.86 5.91
C ARG B 302 20.41 -7.45 5.14
N ILE B 303 19.40 -6.95 5.84
CA ILE B 303 18.24 -6.41 5.17
C ILE B 303 18.63 -5.00 4.90
N GLN B 304 18.01 -4.42 3.90
CA GLN B 304 18.33 -3.09 3.57
C GLN B 304 17.23 -2.08 3.75
N VAL B 305 17.59 -0.83 3.79
CA VAL B 305 16.64 0.24 3.96
C VAL B 305 15.95 0.24 2.65
N GLU B 306 16.56 -0.29 1.62
CA GLU B 306 15.96 -0.21 0.31
C GLU B 306 15.01 -1.30 -0.06
N HIS B 307 14.70 -2.17 0.86
CA HIS B 307 13.87 -3.34 0.56
C HIS B 307 12.38 -3.18 0.32
N PRO B 308 11.75 -2.14 0.88
CA PRO B 308 10.32 -2.08 0.62
C PRO B 308 10.02 -1.98 -0.88
N VAL B 309 10.79 -1.25 -1.66
CA VAL B 309 10.60 -1.14 -3.09
C VAL B 309 10.44 -2.46 -3.85
N THR B 310 11.27 -3.46 -3.59
CA THR B 310 11.17 -4.78 -4.22
C THR B 310 9.94 -5.55 -3.81
N GLU B 311 9.60 -5.48 -2.55
CA GLU B 311 8.44 -6.17 -2.05
C GLU B 311 7.19 -5.65 -2.69
N GLN B 312 7.27 -4.46 -3.25
CA GLN B 312 6.14 -3.84 -3.88
C GLN B 312 6.06 -4.14 -5.34
N VAL B 313 7.11 -4.73 -5.91
CA VAL B 313 7.10 -5.10 -7.30
C VAL B 313 7.05 -6.59 -7.44
N THR B 314 7.30 -7.31 -6.36
CA THR B 314 7.31 -8.75 -6.38
C THR B 314 6.19 -9.40 -5.59
N GLY B 315 5.66 -8.74 -4.59
CA GLY B 315 4.66 -9.35 -3.76
C GLY B 315 5.18 -10.23 -2.65
N ILE B 316 6.45 -10.12 -2.34
CA ILE B 316 7.07 -10.94 -1.33
C ILE B 316 7.52 -10.13 -0.13
N ASP B 317 7.17 -10.57 1.08
CA ASP B 317 7.62 -9.91 2.31
C ASP B 317 8.97 -10.44 2.67
N LEU B 318 9.96 -9.57 2.63
CA LEU B 318 11.31 -10.00 2.86
C LEU B 318 11.63 -10.21 4.32
N VAL B 319 11.03 -9.43 5.20
CA VAL B 319 11.31 -9.58 6.60
C VAL B 319 10.60 -10.78 7.15
N ARG B 320 9.41 -11.06 6.68
CA ARG B 320 8.72 -12.27 7.09
C ARG B 320 9.48 -13.52 6.71
N TRP B 321 10.07 -13.52 5.55
CA TRP B 321 10.79 -14.67 5.10
C TRP B 321 12.05 -14.88 5.85
N GLN B 322 12.67 -13.80 6.30
CA GLN B 322 13.86 -13.90 7.10
C GLN B 322 13.58 -14.67 8.35
N LEU B 323 12.57 -14.25 9.07
CA LEU B 323 12.20 -14.93 10.28
C LEU B 323 11.82 -16.34 10.06
N LEU B 324 11.26 -16.65 8.92
CA LEU B 324 10.91 -18.01 8.60
C LEU B 324 12.10 -18.89 8.25
N ILE B 325 13.04 -18.40 7.48
CA ILE B 325 14.22 -19.16 7.15
C ILE B 325 14.96 -19.57 8.41
N ALA B 326 14.94 -18.71 9.42
CA ALA B 326 15.67 -18.99 10.64
C ALA B 326 14.92 -19.86 11.57
N SER B 327 13.65 -20.10 11.29
CA SER B 327 12.89 -21.03 12.06
C SER B 327 13.16 -22.34 11.42
N GLY B 328 13.77 -22.33 10.26
CA GLY B 328 14.14 -23.55 9.60
C GLY B 328 13.20 -23.99 8.55
N GLU B 329 12.66 -23.03 7.82
CA GLU B 329 11.67 -23.36 6.88
C GLU B 329 12.17 -23.23 5.50
N ARG B 330 11.58 -23.99 4.59
CA ARG B 330 12.05 -23.97 3.23
C ARG B 330 11.50 -22.90 2.35
N LEU B 331 12.36 -22.31 1.53
CA LEU B 331 11.94 -21.31 0.59
C LEU B 331 11.10 -22.07 -0.38
N THR B 332 9.82 -21.77 -0.40
CA THR B 332 8.92 -22.49 -1.23
C THR B 332 8.73 -21.74 -2.51
N LEU B 333 9.55 -20.72 -2.73
CA LEU B 333 9.39 -19.92 -3.90
C LEU B 333 10.33 -20.35 -4.95
N ARG B 334 9.82 -20.71 -6.13
CA ARG B 334 10.70 -21.03 -7.21
C ARG B 334 10.96 -19.69 -7.85
N GLN B 335 11.89 -19.64 -8.77
CA GLN B 335 12.20 -18.41 -9.42
C GLN B 335 11.12 -18.01 -10.39
N GLU B 336 10.40 -18.99 -10.91
CA GLU B 336 9.30 -18.72 -11.81
C GLU B 336 8.26 -17.92 -11.11
N ASP B 337 8.15 -18.08 -9.81
CA ASP B 337 7.16 -17.39 -9.05
C ASP B 337 7.43 -15.94 -8.73
N ILE B 338 8.59 -15.44 -9.11
CA ILE B 338 8.94 -14.07 -8.82
C ILE B 338 9.01 -13.27 -10.09
N LYS B 339 8.17 -12.25 -10.20
CA LYS B 339 8.11 -11.41 -11.37
C LYS B 339 8.02 -9.98 -10.91
N ILE B 340 8.66 -9.07 -11.63
CA ILE B 340 8.58 -7.64 -11.32
C ILE B 340 7.47 -7.17 -12.22
N THR B 341 6.31 -6.90 -11.64
CA THR B 341 5.09 -6.59 -12.39
C THR B 341 4.66 -5.12 -12.31
N ARG B 342 5.24 -4.35 -11.41
CA ARG B 342 4.91 -2.97 -11.09
C ARG B 342 6.13 -2.10 -11.33
N HIS B 343 6.02 -0.83 -10.95
CA HIS B 343 7.17 0.06 -10.85
C HIS B 343 7.05 0.79 -9.52
N ALA B 344 8.01 0.56 -8.63
CA ALA B 344 8.04 1.22 -7.34
C ALA B 344 9.24 2.14 -7.24
N ILE B 345 9.16 3.05 -6.26
CA ILE B 345 10.18 4.04 -5.96
C ILE B 345 10.03 4.43 -4.50
N GLU B 346 11.14 4.81 -3.87
CA GLU B 346 11.18 5.15 -2.45
C GLU B 346 12.01 6.39 -2.23
N CYS B 347 11.46 7.27 -1.40
CA CYS B 347 12.10 8.48 -0.93
C CYS B 347 12.34 8.35 0.57
N ARG B 348 13.60 8.52 0.97
CA ARG B 348 13.94 8.69 2.36
C ARG B 348 13.78 10.16 2.71
N ILE B 349 12.82 10.46 3.58
CA ILE B 349 12.72 11.76 4.21
C ILE B 349 13.62 11.75 5.44
N ASN B 350 14.62 12.62 5.44
CA ASN B 350 15.62 12.72 6.49
C ASN B 350 15.40 14.00 7.28
N ALA B 351 16.25 14.20 8.29
CA ALA B 351 16.16 15.41 9.11
C ALA B 351 16.78 16.62 8.43
N GLU B 352 17.61 16.42 7.41
CA GLU B 352 18.25 17.60 6.85
C GLU B 352 17.28 18.53 6.12
N GLU B 364 11.25 18.04 18.28
CA GLU B 364 9.93 17.47 18.33
C GLU B 364 9.15 17.59 17.04
N VAL B 365 8.64 16.48 16.54
CA VAL B 365 7.81 16.51 15.37
C VAL B 365 6.50 16.84 15.98
N GLU B 366 6.05 18.06 15.83
CA GLU B 366 4.83 18.48 16.49
C GLU B 366 3.63 17.98 15.77
N PHE B 367 3.73 17.87 14.47
CA PHE B 367 2.65 17.33 13.70
C PHE B 367 3.17 16.39 12.66
N TYR B 368 2.76 15.15 12.75
CA TYR B 368 3.10 14.16 11.74
C TYR B 368 1.83 13.62 11.09
N LEU B 369 1.78 13.68 9.75
CA LEU B 369 0.68 13.19 8.94
C LEU B 369 1.18 12.49 7.69
N PRO B 370 1.14 11.12 7.73
CA PRO B 370 1.68 10.49 6.55
C PRO B 370 0.79 10.51 5.37
N PRO B 371 1.39 10.36 4.20
CA PRO B 371 0.53 10.26 3.06
C PRO B 371 -0.13 8.93 2.97
N GLY B 372 -1.11 8.84 2.09
CA GLY B 372 -1.79 7.61 1.93
C GLY B 372 -2.57 7.56 0.68
N GLY B 373 -3.57 6.70 0.67
CA GLY B 373 -4.42 6.60 -0.47
C GLY B 373 -4.01 5.47 -1.32
N PRO B 374 -4.37 5.56 -2.58
CA PRO B 374 -3.91 4.52 -3.48
C PRO B 374 -2.46 4.66 -3.88
N GLY B 375 -1.74 3.56 -3.88
CA GLY B 375 -0.37 3.58 -4.32
C GLY B 375 0.69 4.09 -3.40
N VAL B 376 0.45 4.14 -2.11
CA VAL B 376 1.39 4.69 -1.13
C VAL B 376 1.65 3.72 0.02
N ARG B 377 2.91 3.55 0.45
CA ARG B 377 3.24 2.73 1.60
C ARG B 377 4.19 3.60 2.37
N VAL B 378 3.95 3.79 3.65
CA VAL B 378 4.81 4.62 4.47
C VAL B 378 5.41 3.84 5.63
N ASP B 379 6.73 3.72 5.61
CA ASP B 379 7.43 3.04 6.67
C ASP B 379 8.15 4.05 7.54
N SER B 380 7.60 4.34 8.72
CA SER B 380 8.17 5.36 9.59
C SER B 380 7.97 5.12 11.05
N HIS B 381 8.68 5.87 11.87
CA HIS B 381 8.55 5.77 13.29
C HIS B 381 8.09 7.08 13.82
N LEU B 382 7.73 7.98 12.92
CA LEU B 382 7.33 9.29 13.33
C LEU B 382 5.96 9.29 13.94
N TYR B 383 5.70 10.26 14.80
CA TYR B 383 4.39 10.43 15.39
C TYR B 383 4.36 11.89 15.79
N SER B 384 3.16 12.42 16.00
CA SER B 384 3.01 13.80 16.38
C SER B 384 3.35 13.85 17.83
N GLY B 385 4.43 14.52 18.16
CA GLY B 385 4.93 14.47 19.54
C GLY B 385 6.26 13.77 19.69
N TYR B 386 6.69 13.01 18.68
CA TYR B 386 7.95 12.29 18.76
C TYR B 386 9.12 13.25 18.76
N THR B 387 10.01 13.09 19.72
CA THR B 387 11.24 13.86 19.65
C THR B 387 12.32 13.00 19.00
N PRO B 388 12.57 13.16 17.71
CA PRO B 388 13.58 12.35 17.05
C PRO B 388 14.92 12.56 17.73
N PRO B 389 15.61 11.49 18.11
CA PRO B 389 16.98 11.64 18.58
C PRO B 389 17.90 11.91 17.39
N GLY B 390 19.00 12.59 17.63
CA GLY B 390 19.89 12.72 16.51
C GLY B 390 20.91 11.61 16.36
N THR B 391 20.96 10.70 17.35
CA THR B 391 22.20 10.01 17.70
C THR B 391 22.69 9.09 16.59
N TYR B 392 21.78 8.41 15.90
CA TYR B 392 22.19 7.27 15.08
C TYR B 392 22.00 7.49 13.58
N ASP B 393 20.94 8.19 13.22
CA ASP B 393 20.67 8.50 11.83
C ASP B 393 19.87 9.76 11.67
N SER B 394 19.69 10.18 10.44
CA SER B 394 18.88 11.35 10.14
C SER B 394 17.48 10.97 9.71
N LEU B 395 17.29 9.73 9.28
CA LEU B 395 16.01 9.23 8.79
C LEU B 395 14.77 9.41 9.58
N LEU B 396 13.77 9.98 8.93
CA LEU B 396 12.52 10.22 9.58
C LEU B 396 11.45 9.34 8.99
N ALA B 397 11.43 9.23 7.68
CA ALA B 397 10.42 8.45 7.02
C ALA B 397 10.78 7.90 5.70
N LYS B 398 10.11 6.84 5.30
CA LYS B 398 10.29 6.26 3.99
C LYS B 398 8.97 6.15 3.26
N ILE B 399 8.82 6.88 2.18
CA ILE B 399 7.61 6.83 1.38
C ILE B 399 7.88 6.07 0.13
N ILE B 400 7.06 5.07 -0.17
CA ILE B 400 7.26 4.21 -1.30
C ILE B 400 5.99 4.26 -2.16
N THR B 401 6.09 4.72 -3.40
CA THR B 401 4.92 4.72 -4.29
C THR B 401 5.15 3.78 -5.47
N PHE B 402 4.05 3.26 -6.02
CA PHE B 402 4.09 2.25 -7.09
C PHE B 402 3.00 2.53 -8.11
N GLY B 403 3.26 1.94 -9.27
CA GLY B 403 2.33 2.04 -10.36
C GLY B 403 2.78 1.19 -11.52
N ASP B 404 1.96 1.03 -12.53
CA ASP B 404 2.25 0.29 -13.73
C ASP B 404 3.21 1.00 -14.66
N THR B 405 3.46 2.27 -14.42
CA THR B 405 4.37 3.03 -15.24
C THR B 405 5.29 3.72 -14.31
N ARG B 406 6.52 4.02 -14.74
CA ARG B 406 7.46 4.79 -13.95
C ARG B 406 7.00 6.19 -13.63
N ASP B 407 6.37 6.87 -14.59
CA ASP B 407 5.77 8.16 -14.28
C ASP B 407 4.53 8.02 -13.40
N GLU B 408 3.82 6.91 -13.52
CA GLU B 408 2.69 6.73 -12.61
C GLU B 408 3.29 6.68 -11.23
N ALA B 409 4.42 5.99 -11.09
CA ALA B 409 5.10 5.90 -9.80
C ALA B 409 5.57 7.27 -9.33
N LEU B 410 6.19 8.03 -10.23
CA LEU B 410 6.70 9.33 -9.82
C LEU B 410 5.59 10.34 -9.54
N ASN B 411 4.43 10.18 -10.19
CA ASN B 411 3.37 11.14 -9.93
C ASN B 411 2.60 10.87 -8.64
N ARG B 412 2.47 9.64 -8.22
CA ARG B 412 1.89 9.37 -6.93
C ARG B 412 2.77 9.79 -5.71
N MET B 413 4.05 9.92 -6.03
CA MET B 413 5.08 10.36 -5.09
C MET B 413 5.00 11.80 -4.84
N ARG B 414 4.86 12.57 -5.88
CA ARG B 414 4.70 13.97 -5.75
C ARG B 414 3.57 14.31 -4.86
N ARG B 415 2.51 13.53 -4.96
CA ARG B 415 1.37 13.75 -4.16
C ARG B 415 1.70 13.38 -2.78
N ALA B 416 2.27 12.21 -2.59
CA ALA B 416 2.63 11.73 -1.29
C ALA B 416 3.54 12.65 -0.56
N LEU B 417 4.46 13.25 -1.27
CA LEU B 417 5.37 14.18 -0.67
C LEU B 417 4.76 15.53 -0.36
N ASN B 418 3.77 15.98 -1.12
CA ASN B 418 3.07 17.25 -0.82
C ASN B 418 2.04 17.04 0.24
N GLU B 419 1.83 15.79 0.61
CA GLU B 419 0.89 15.45 1.64
C GLU B 419 1.57 15.18 2.97
N CYS B 420 2.83 14.82 2.97
CA CYS B 420 3.48 14.52 4.22
C CYS B 420 3.72 15.78 4.96
N VAL B 421 3.13 15.89 6.14
CA VAL B 421 3.35 17.07 6.97
C VAL B 421 4.21 16.68 8.14
N ILE B 422 5.50 16.95 8.07
CA ILE B 422 6.37 16.69 9.20
C ILE B 422 6.73 18.07 9.70
N THR B 423 6.09 18.50 10.78
CA THR B 423 6.30 19.86 11.25
C THR B 423 7.13 19.95 12.52
N GLY B 424 7.95 20.98 12.63
CA GLY B 424 8.73 21.19 13.82
C GLY B 424 10.15 20.82 13.62
N ILE B 425 10.41 19.98 12.63
CA ILE B 425 11.75 19.59 12.30
C ILE B 425 11.78 19.86 10.84
N LYS B 426 12.92 20.26 10.31
CA LYS B 426 13.04 20.46 8.88
C LYS B 426 13.34 19.11 8.31
N THR B 427 13.10 18.90 7.03
CA THR B 427 13.26 17.60 6.44
C THR B 427 13.86 17.70 5.09
N THR B 428 13.98 16.58 4.40
CA THR B 428 14.49 16.58 3.05
C THR B 428 13.40 16.57 1.99
N ILE B 429 12.14 16.48 2.39
CA ILE B 429 11.04 16.47 1.44
C ILE B 429 11.10 17.47 0.29
N PRO B 430 11.39 18.76 0.57
CA PRO B 430 11.41 19.66 -0.58
C PRO B 430 12.40 19.31 -1.68
N PHE B 431 13.51 18.66 -1.36
CA PHE B 431 14.52 18.30 -2.32
C PHE B 431 14.08 17.10 -3.06
N GLN B 432 13.32 16.26 -2.39
CA GLN B 432 12.80 15.08 -3.03
C GLN B 432 11.76 15.41 -4.05
N LEU B 433 10.94 16.40 -3.79
CA LEU B 433 9.90 16.81 -4.71
C LEU B 433 10.48 17.49 -5.90
N ALA B 434 11.59 18.16 -5.73
CA ALA B 434 12.27 18.74 -6.83
C ALA B 434 12.90 17.72 -7.77
N LEU B 435 13.56 16.69 -7.24
CA LEU B 435 14.19 15.67 -8.07
C LEU B 435 13.20 14.82 -8.82
N ILE B 436 12.07 14.55 -8.20
CA ILE B 436 11.09 13.72 -8.84
C ILE B 436 10.60 14.43 -10.05
N ASP B 437 10.56 15.75 -10.00
CA ASP B 437 10.12 16.55 -11.12
C ASP B 437 11.25 17.11 -11.99
N ASP B 438 12.49 16.72 -11.72
CA ASP B 438 13.63 17.13 -12.54
C ASP B 438 13.57 16.40 -13.84
N PRO B 439 13.98 17.04 -14.92
CA PRO B 439 13.84 16.45 -16.23
C PRO B 439 14.60 15.18 -16.43
N GLU B 440 15.82 15.13 -15.94
CA GLU B 440 16.65 13.97 -16.11
C GLU B 440 16.11 12.76 -15.42
N PHE B 441 15.65 12.95 -14.20
CA PHE B 441 15.16 11.84 -13.42
C PHE B 441 14.00 11.20 -14.12
N ARG B 442 13.12 12.01 -14.65
CA ARG B 442 11.95 11.51 -15.31
C ARG B 442 12.29 10.71 -16.51
N ALA B 443 13.25 11.17 -17.28
CA ALA B 443 13.68 10.42 -18.42
C ALA B 443 14.44 9.16 -18.02
#